data_5AAS
#
_entry.id   5AAS
#
_cell.length_a   1.000
_cell.length_b   1.000
_cell.length_c   1.000
_cell.angle_alpha   90.00
_cell.angle_beta   90.00
_cell.angle_gamma   90.00
#
_symmetry.space_group_name_H-M   'P 1'
#
loop_
_entity.id
_entity.type
_entity.pdbx_description
1 polymer 'TAX1-BINDING PROTEIN 1'
2 non-polymer 'ZINC ION'
#
_entity_poly.entity_id   1
_entity_poly.type   'polypeptide(L)'
_entity_poly.pdbx_seq_one_letter_code
;GSSFDVHKKCPLCELMFPPNYDQSKFEEHVESHWKVCPMCSEQFPPDYDQQVFERHVQTHFDQN
;
_entity_poly.pdbx_strand_id   A
#
loop_
_chem_comp.id
_chem_comp.type
_chem_comp.name
_chem_comp.formula
ZN non-polymer 'ZINC ION' 'Zn 2'
#
# COMPACT_ATOMS: atom_id res chain seq x y z
N SER A 2 -26.08 9.61 -19.23
CA SER A 2 -24.73 10.24 -19.23
C SER A 2 -24.30 10.60 -17.80
N SER A 3 -23.00 10.54 -17.56
CA SER A 3 -22.45 10.86 -16.24
C SER A 3 -20.94 10.79 -16.25
N PHE A 4 -20.30 11.47 -15.29
CA PHE A 4 -18.85 11.47 -15.19
C PHE A 4 -18.34 10.11 -14.72
N ASP A 5 -17.50 9.49 -15.53
CA ASP A 5 -16.94 8.19 -15.20
C ASP A 5 -15.57 8.33 -14.54
N VAL A 6 -15.47 9.27 -13.60
CA VAL A 6 -14.22 9.51 -12.89
C VAL A 6 -14.04 8.52 -11.75
N HIS A 7 -14.01 7.23 -12.10
CA HIS A 7 -13.84 6.19 -11.10
C HIS A 7 -12.36 5.89 -10.86
N LYS A 8 -11.92 6.10 -9.62
CA LYS A 8 -10.52 5.85 -9.27
C LYS A 8 -10.27 4.37 -9.04
N LYS A 9 -9.40 3.79 -9.86
CA LYS A 9 -9.07 2.37 -9.76
C LYS A 9 -7.65 2.19 -9.23
N CYS A 10 -7.51 1.41 -8.15
CA CYS A 10 -6.22 1.14 -7.55
C CYS A 10 -5.42 0.17 -8.42
N PRO A 11 -4.26 0.62 -8.94
CA PRO A 11 -3.41 -0.22 -9.79
C PRO A 11 -2.98 -1.52 -9.15
N LEU A 12 -3.01 -1.56 -7.83
CA LEU A 12 -2.61 -2.76 -7.08
C LEU A 12 -3.70 -3.83 -7.12
N CYS A 13 -4.94 -3.41 -7.35
CA CYS A 13 -6.05 -4.35 -7.40
C CYS A 13 -7.01 -4.00 -8.53
N GLU A 14 -8.16 -4.66 -8.56
CA GLU A 14 -9.16 -4.41 -9.60
C GLU A 14 -10.46 -3.89 -9.00
N LEU A 15 -10.33 -2.98 -8.04
CA LEU A 15 -11.50 -2.40 -7.38
C LEU A 15 -11.74 -0.97 -7.86
N MET A 16 -13.00 -0.65 -8.15
CA MET A 16 -13.36 0.68 -8.61
C MET A 16 -14.01 1.48 -7.49
N PHE A 17 -13.56 2.72 -7.31
CA PHE A 17 -14.08 3.58 -6.27
C PHE A 17 -14.91 4.72 -6.87
N PRO A 18 -16.03 5.09 -6.21
CA PRO A 18 -16.91 6.17 -6.67
C PRO A 18 -16.23 7.53 -6.71
N PRO A 19 -16.72 8.45 -7.56
CA PRO A 19 -16.15 9.80 -7.68
C PRO A 19 -16.14 10.54 -6.35
N ASN A 20 -17.06 10.18 -5.46
CA ASN A 20 -17.14 10.81 -4.14
C ASN A 20 -16.21 10.14 -3.14
N TYR A 21 -15.36 9.23 -3.63
CA TYR A 21 -14.42 8.53 -2.77
C TYR A 21 -13.27 9.45 -2.35
N ASP A 22 -13.03 9.52 -1.05
CA ASP A 22 -11.97 10.35 -0.51
C ASP A 22 -10.60 9.80 -0.92
N GLN A 23 -9.74 10.68 -1.43
CA GLN A 23 -8.40 10.28 -1.85
C GLN A 23 -7.62 9.68 -0.70
N SER A 24 -7.76 10.28 0.49
CA SER A 24 -7.06 9.81 1.67
C SER A 24 -7.36 8.33 1.90
N LYS A 25 -8.63 7.97 1.70
CA LYS A 25 -9.06 6.59 1.85
C LYS A 25 -8.41 5.74 0.77
N PHE A 26 -8.26 6.33 -0.41
CA PHE A 26 -7.64 5.65 -1.54
C PHE A 26 -6.17 5.41 -1.26
N GLU A 27 -5.53 6.39 -0.63
CA GLU A 27 -4.12 6.28 -0.28
C GLU A 27 -3.92 5.11 0.67
N GLU A 28 -4.80 5.01 1.67
CA GLU A 28 -4.74 3.94 2.65
C GLU A 28 -4.98 2.59 2.00
N HIS A 29 -5.95 2.55 1.09
CA HIS A 29 -6.28 1.32 0.37
C HIS A 29 -5.12 0.90 -0.51
N VAL A 30 -4.62 1.85 -1.29
CA VAL A 30 -3.49 1.60 -2.17
C VAL A 30 -2.28 1.16 -1.35
N GLU A 31 -2.08 1.83 -0.21
CA GLU A 31 -0.97 1.49 0.68
C GLU A 31 -1.21 0.15 1.37
N SER A 32 -2.48 -0.22 1.52
CA SER A 32 -2.82 -1.49 2.16
C SER A 32 -2.16 -2.64 1.42
N HIS A 33 -2.11 -2.54 0.10
CA HIS A 33 -1.49 -3.59 -0.72
C HIS A 33 0.04 -3.57 -0.58
N TRP A 34 0.57 -2.41 -0.21
CA TRP A 34 2.02 -2.25 -0.06
C TRP A 34 2.54 -3.06 1.13
N LYS A 35 3.83 -3.37 1.09
CA LYS A 35 4.47 -4.12 2.16
C LYS A 35 4.86 -3.17 3.28
N VAL A 36 4.23 -3.32 4.44
CA VAL A 36 4.52 -2.45 5.56
C VAL A 36 5.03 -3.21 6.79
N CYS A 37 6.08 -2.67 7.38
CA CYS A 37 6.68 -3.27 8.58
C CYS A 37 5.83 -2.95 9.81
N PRO A 38 5.48 -3.97 10.61
CA PRO A 38 4.65 -3.78 11.80
C PRO A 38 5.46 -3.43 13.05
N MET A 39 6.78 -3.47 12.95
CA MET A 39 7.64 -3.17 14.09
C MET A 39 7.93 -1.67 14.19
N CYS A 40 7.88 -0.98 13.05
CA CYS A 40 8.14 0.46 13.02
C CYS A 40 7.04 1.22 12.27
N SER A 41 6.40 0.54 11.31
CA SER A 41 5.32 1.12 10.51
C SER A 41 5.86 1.81 9.25
N GLU A 42 6.80 1.16 8.56
CA GLU A 42 7.36 1.70 7.34
C GLU A 42 6.61 1.15 6.13
N GLN A 43 6.52 1.96 5.07
CA GLN A 43 5.81 1.52 3.88
C GLN A 43 6.79 1.19 2.76
N PHE A 44 6.59 0.02 2.17
CA PHE A 44 7.43 -0.45 1.07
C PHE A 44 6.59 -0.65 -0.20
N PRO A 45 6.96 0.02 -1.31
CA PRO A 45 6.22 -0.11 -2.57
C PRO A 45 6.18 -1.55 -3.07
N PRO A 46 5.20 -1.88 -3.93
CA PRO A 46 5.06 -3.24 -4.47
C PRO A 46 6.22 -3.63 -5.36
N ASP A 47 6.90 -2.64 -5.92
CA ASP A 47 8.04 -2.88 -6.80
C ASP A 47 9.31 -3.15 -5.98
N TYR A 48 9.25 -2.86 -4.68
CA TYR A 48 10.39 -3.06 -3.80
C TYR A 48 10.76 -4.54 -3.72
N ASP A 49 11.98 -4.82 -3.26
CA ASP A 49 12.45 -6.19 -3.14
C ASP A 49 12.07 -6.76 -1.77
N GLN A 50 11.35 -7.88 -1.80
CA GLN A 50 10.91 -8.52 -0.57
C GLN A 50 12.10 -8.84 0.33
N GLN A 51 13.24 -9.15 -0.28
CA GLN A 51 14.44 -9.46 0.47
C GLN A 51 14.86 -8.29 1.34
N VAL A 52 14.84 -7.10 0.76
CA VAL A 52 15.19 -5.89 1.49
C VAL A 52 14.16 -5.59 2.57
N PHE A 53 12.90 -5.79 2.24
CA PHE A 53 11.83 -5.55 3.20
C PHE A 53 11.93 -6.53 4.37
N GLU A 54 12.02 -7.83 4.05
CA GLU A 54 12.12 -8.86 5.07
C GLU A 54 13.31 -8.60 5.97
N ARG A 55 14.41 -8.11 5.39
CA ARG A 55 15.61 -7.82 6.16
C ARG A 55 15.33 -6.66 7.12
N HIS A 56 14.58 -5.67 6.65
CA HIS A 56 14.22 -4.52 7.46
C HIS A 56 13.29 -4.93 8.58
N VAL A 57 12.25 -5.69 8.25
CA VAL A 57 11.29 -6.14 9.25
C VAL A 57 11.99 -7.07 10.23
N GLN A 58 12.70 -8.06 9.69
CA GLN A 58 13.44 -9.02 10.50
C GLN A 58 14.42 -8.29 11.42
N THR A 59 14.93 -7.17 10.95
CA THR A 59 15.88 -6.37 11.72
C THR A 59 15.24 -5.94 13.05
N HIS A 60 13.92 -5.85 13.05
CA HIS A 60 13.18 -5.44 14.24
C HIS A 60 12.99 -6.60 15.22
N PHE A 61 13.27 -7.82 14.76
CA PHE A 61 13.14 -9.00 15.62
C PHE A 61 14.45 -9.33 16.32
N ASP A 62 15.56 -8.93 15.69
CA ASP A 62 16.88 -9.19 16.26
C ASP A 62 17.36 -8.00 17.09
N GLN A 63 16.42 -7.21 17.60
CA GLN A 63 16.75 -6.05 18.41
C GLN A 63 15.48 -5.35 18.91
N ASN A 64 15.37 -5.23 20.23
CA ASN A 64 14.22 -4.59 20.84
C ASN A 64 14.57 -3.22 21.39
ZN ZN B . -6.14 -1.50 -4.40
ZN ZN C . 10.40 -1.78 10.36
N SER A 2 -23.93 8.98 -23.25
CA SER A 2 -23.29 10.31 -23.09
C SER A 2 -23.30 10.77 -21.64
N SER A 3 -23.03 9.83 -20.74
CA SER A 3 -23.00 10.13 -19.31
C SER A 3 -21.56 10.22 -18.81
N PHE A 4 -20.76 9.22 -19.14
CA PHE A 4 -19.37 9.19 -18.72
C PHE A 4 -19.25 9.19 -17.20
N ASP A 5 -18.03 9.20 -16.70
CA ASP A 5 -17.78 9.21 -15.26
C ASP A 5 -16.29 9.31 -14.96
N VAL A 6 -15.96 9.33 -13.67
CA VAL A 6 -14.57 9.43 -13.24
C VAL A 6 -14.30 8.55 -12.02
N HIS A 7 -14.26 7.24 -12.24
CA HIS A 7 -14.02 6.29 -11.17
C HIS A 7 -12.52 6.10 -10.92
N LYS A 8 -12.16 5.83 -9.67
CA LYS A 8 -10.76 5.63 -9.31
C LYS A 8 -10.47 4.15 -9.09
N LYS A 9 -9.55 3.62 -9.90
CA LYS A 9 -9.17 2.21 -9.80
C LYS A 9 -7.74 2.06 -9.28
N CYS A 10 -7.58 1.35 -8.17
CA CYS A 10 -6.27 1.13 -7.58
C CYS A 10 -5.47 0.13 -8.41
N PRO A 11 -4.31 0.54 -8.95
CA PRO A 11 -3.46 -0.32 -9.78
C PRO A 11 -3.07 -1.62 -9.09
N LEU A 12 -3.07 -1.62 -7.77
CA LEU A 12 -2.69 -2.80 -6.99
C LEU A 12 -3.80 -3.85 -6.99
N CYS A 13 -5.02 -3.42 -7.26
CA CYS A 13 -6.16 -4.35 -7.29
C CYS A 13 -7.11 -4.01 -8.44
N GLU A 14 -8.27 -4.66 -8.45
CA GLU A 14 -9.27 -4.43 -9.48
C GLU A 14 -10.57 -3.91 -8.88
N LEU A 15 -10.45 -3.04 -7.88
CA LEU A 15 -11.61 -2.47 -7.23
C LEU A 15 -11.88 -1.05 -7.74
N MET A 16 -13.17 -0.75 -7.97
CA MET A 16 -13.56 0.56 -8.47
C MET A 16 -14.14 1.41 -7.34
N PHE A 17 -13.68 2.66 -7.25
CA PHE A 17 -14.15 3.56 -6.21
C PHE A 17 -15.02 4.67 -6.81
N PRO A 18 -16.08 5.08 -6.09
CA PRO A 18 -17.00 6.13 -6.56
C PRO A 18 -16.32 7.49 -6.67
N PRO A 19 -16.86 8.39 -7.52
CA PRO A 19 -16.31 9.73 -7.71
C PRO A 19 -16.24 10.52 -6.41
N ASN A 20 -17.11 10.19 -5.47
CA ASN A 20 -17.16 10.86 -4.18
C ASN A 20 -16.19 10.21 -3.18
N TYR A 21 -15.35 9.30 -3.67
CA TYR A 21 -14.39 8.62 -2.82
C TYR A 21 -13.23 9.54 -2.45
N ASP A 22 -12.95 9.63 -1.16
CA ASP A 22 -11.86 10.49 -0.69
C ASP A 22 -10.50 9.94 -1.12
N GLN A 23 -9.64 10.83 -1.60
CA GLN A 23 -8.31 10.43 -2.05
C GLN A 23 -7.50 9.86 -0.90
N SER A 24 -7.60 10.49 0.26
CA SER A 24 -6.88 10.03 1.44
C SER A 24 -7.18 8.56 1.72
N LYS A 25 -8.44 8.20 1.55
CA LYS A 25 -8.87 6.83 1.75
C LYS A 25 -8.26 5.94 0.68
N PHE A 26 -8.15 6.51 -0.52
CA PHE A 26 -7.57 5.79 -1.64
C PHE A 26 -6.09 5.52 -1.38
N GLU A 27 -5.41 6.51 -0.80
CA GLU A 27 -4.01 6.37 -0.48
C GLU A 27 -3.82 5.24 0.52
N GLU A 28 -4.68 5.21 1.53
CA GLU A 28 -4.63 4.17 2.56
C GLU A 28 -4.89 2.80 1.94
N HIS A 29 -5.88 2.74 1.06
CA HIS A 29 -6.23 1.50 0.38
C HIS A 29 -5.08 1.03 -0.49
N VAL A 30 -4.57 1.95 -1.30
CA VAL A 30 -3.44 1.65 -2.17
C VAL A 30 -2.25 1.20 -1.33
N GLU A 31 -2.06 1.85 -0.19
CA GLU A 31 -0.97 1.51 0.72
C GLU A 31 -1.23 0.18 1.40
N SER A 32 -2.50 -0.18 1.55
CA SER A 32 -2.87 -1.44 2.20
C SER A 32 -2.22 -2.61 1.47
N HIS A 33 -2.18 -2.53 0.15
CA HIS A 33 -1.57 -3.59 -0.66
C HIS A 33 -0.06 -3.58 -0.54
N TRP A 34 0.51 -2.42 -0.19
CA TRP A 34 1.96 -2.29 -0.05
C TRP A 34 2.48 -3.12 1.13
N LYS A 35 3.77 -3.38 1.12
CA LYS A 35 4.40 -4.15 2.19
C LYS A 35 4.78 -3.22 3.32
N VAL A 36 4.19 -3.41 4.49
CA VAL A 36 4.47 -2.54 5.62
C VAL A 36 5.00 -3.32 6.82
N CYS A 37 6.05 -2.78 7.43
CA CYS A 37 6.66 -3.38 8.60
C CYS A 37 5.81 -3.11 9.83
N PRO A 38 5.48 -4.15 10.61
CA PRO A 38 4.65 -4.02 11.80
C PRO A 38 5.44 -3.68 13.07
N MET A 39 6.77 -3.70 12.98
CA MET A 39 7.61 -3.40 14.12
C MET A 39 7.87 -1.90 14.25
N CYS A 40 7.83 -1.19 13.13
CA CYS A 40 8.05 0.25 13.13
C CYS A 40 6.94 1.00 12.41
N SER A 41 6.39 0.36 11.36
CA SER A 41 5.30 0.95 10.56
C SER A 41 5.85 1.64 9.31
N GLU A 42 6.80 1.00 8.64
CA GLU A 42 7.38 1.56 7.43
C GLU A 42 6.61 1.06 6.20
N GLN A 43 6.57 1.88 5.16
CA GLN A 43 5.85 1.49 3.96
C GLN A 43 6.83 1.13 2.85
N PHE A 44 6.59 -0.03 2.24
CA PHE A 44 7.42 -0.52 1.14
C PHE A 44 6.59 -0.68 -0.13
N PRO A 45 6.96 0.00 -1.23
CA PRO A 45 6.24 -0.10 -2.50
C PRO A 45 6.20 -1.53 -3.01
N PRO A 46 5.23 -1.86 -3.87
CA PRO A 46 5.07 -3.21 -4.43
C PRO A 46 6.28 -3.61 -5.29
N ASP A 47 6.96 -2.62 -5.84
CA ASP A 47 8.13 -2.87 -6.68
C ASP A 47 9.38 -3.09 -5.82
N TYR A 48 9.27 -2.77 -4.53
CA TYR A 48 10.39 -2.94 -3.62
C TYR A 48 10.84 -4.39 -3.55
N ASP A 49 12.11 -4.61 -3.24
CA ASP A 49 12.66 -5.95 -3.14
C ASP A 49 12.27 -6.60 -1.81
N GLN A 50 11.57 -7.72 -1.89
CA GLN A 50 11.14 -8.43 -0.69
C GLN A 50 12.32 -8.77 0.22
N GLN A 51 13.47 -9.03 -0.39
CA GLN A 51 14.67 -9.36 0.36
C GLN A 51 15.06 -8.20 1.29
N VAL A 52 15.04 -6.99 0.73
CA VAL A 52 15.38 -5.80 1.50
C VAL A 52 14.35 -5.57 2.60
N PHE A 53 13.07 -5.72 2.24
CA PHE A 53 11.99 -5.55 3.19
C PHE A 53 12.12 -6.54 4.33
N GLU A 54 12.26 -7.82 3.99
CA GLU A 54 12.41 -8.87 4.99
C GLU A 54 13.57 -8.57 5.93
N ARG A 55 14.65 -8.04 5.36
CA ARG A 55 15.83 -7.68 6.15
C ARG A 55 15.48 -6.59 7.14
N HIS A 56 14.67 -5.63 6.70
CA HIS A 56 14.26 -4.52 7.54
C HIS A 56 13.32 -4.99 8.64
N VAL A 57 12.32 -5.78 8.28
CA VAL A 57 11.38 -6.31 9.26
C VAL A 57 12.09 -7.23 10.22
N GLN A 58 12.98 -8.06 9.67
CA GLN A 58 13.75 -9.00 10.48
C GLN A 58 14.68 -8.23 11.41
N THR A 59 15.12 -7.06 10.97
CA THR A 59 16.00 -6.22 11.76
C THR A 59 15.33 -5.85 13.07
N HIS A 60 14.00 -5.85 13.08
CA HIS A 60 13.23 -5.52 14.26
C HIS A 60 13.03 -6.75 15.15
N PHE A 61 12.98 -7.91 14.52
CA PHE A 61 12.79 -9.17 15.24
C PHE A 61 14.04 -9.54 16.04
N ASP A 62 15.16 -8.92 15.71
CA ASP A 62 16.41 -9.19 16.40
C ASP A 62 16.66 -8.17 17.52
N GLN A 63 15.58 -7.57 18.02
CA GLN A 63 15.69 -6.60 19.09
C GLN A 63 14.76 -6.95 20.24
N ASN A 64 15.24 -6.75 21.46
CA ASN A 64 14.45 -7.06 22.65
C ASN A 64 13.40 -5.99 22.90
ZN ZN B . -6.16 -1.41 -4.37
ZN ZN C . 10.33 -1.90 10.42
N SER A 2 -9.41 9.39 -23.92
CA SER A 2 -10.47 8.48 -24.39
C SER A 2 -11.81 8.83 -23.75
N SER A 3 -11.90 8.68 -22.44
CA SER A 3 -13.12 8.97 -21.71
C SER A 3 -12.81 9.58 -20.35
N PHE A 4 -13.84 10.08 -19.68
CA PHE A 4 -13.68 10.69 -18.37
C PHE A 4 -14.17 9.76 -17.26
N ASP A 5 -13.27 8.92 -16.77
CA ASP A 5 -13.60 7.97 -15.71
C ASP A 5 -14.03 8.69 -14.45
N VAL A 6 -15.10 8.21 -13.82
CA VAL A 6 -15.60 8.82 -12.60
C VAL A 6 -15.18 8.03 -11.37
N HIS A 7 -14.99 6.72 -11.55
CA HIS A 7 -14.58 5.85 -10.45
C HIS A 7 -13.06 5.70 -10.42
N LYS A 8 -12.48 5.78 -9.22
CA LYS A 8 -11.05 5.65 -9.05
C LYS A 8 -10.64 4.17 -8.97
N LYS A 9 -9.75 3.77 -9.86
CA LYS A 9 -9.28 2.39 -9.89
C LYS A 9 -7.83 2.28 -9.44
N CYS A 10 -7.59 1.53 -8.37
CA CYS A 10 -6.25 1.36 -7.83
C CYS A 10 -5.45 0.41 -8.72
N PRO A 11 -4.31 0.87 -9.27
CA PRO A 11 -3.47 0.05 -10.15
C PRO A 11 -3.05 -1.28 -9.52
N LEU A 12 -2.95 -1.31 -8.20
CA LEU A 12 -2.55 -2.53 -7.49
C LEU A 12 -3.65 -3.59 -7.52
N CYS A 13 -4.89 -3.17 -7.75
CA CYS A 13 -6.00 -4.09 -7.78
C CYS A 13 -6.99 -3.72 -8.89
N GLU A 14 -8.17 -4.35 -8.86
CA GLU A 14 -9.19 -4.09 -9.87
C GLU A 14 -10.50 -3.68 -9.21
N LEU A 15 -10.42 -2.77 -8.24
CA LEU A 15 -11.59 -2.29 -7.52
C LEU A 15 -11.94 -0.87 -7.95
N MET A 16 -13.24 -0.59 -8.07
CA MET A 16 -13.70 0.73 -8.47
C MET A 16 -14.23 1.49 -7.26
N PHE A 17 -13.80 2.74 -7.12
CA PHE A 17 -14.22 3.57 -6.00
C PHE A 17 -15.16 4.68 -6.48
N PRO A 18 -16.17 5.05 -5.65
CA PRO A 18 -17.14 6.09 -6.00
C PRO A 18 -16.50 7.46 -6.14
N PRO A 19 -17.14 8.36 -6.90
CA PRO A 19 -16.63 9.73 -7.12
C PRO A 19 -16.49 10.51 -5.81
N ASN A 20 -17.30 10.15 -4.82
CA ASN A 20 -17.27 10.81 -3.53
C ASN A 20 -16.25 10.15 -2.60
N TYR A 21 -15.42 9.26 -3.16
CA TYR A 21 -14.41 8.56 -2.39
C TYR A 21 -13.24 9.49 -2.08
N ASP A 22 -12.91 9.61 -0.79
CA ASP A 22 -11.81 10.47 -0.36
C ASP A 22 -10.47 9.91 -0.83
N GLN A 23 -9.63 10.77 -1.39
CA GLN A 23 -8.32 10.36 -1.88
C GLN A 23 -7.48 9.76 -0.75
N SER A 24 -7.60 10.33 0.44
CA SER A 24 -6.85 9.84 1.59
C SER A 24 -7.13 8.35 1.80
N LYS A 25 -8.39 7.98 1.66
CA LYS A 25 -8.78 6.58 1.81
C LYS A 25 -8.16 5.76 0.68
N PHE A 26 -8.07 6.38 -0.49
CA PHE A 26 -7.49 5.73 -1.65
C PHE A 26 -6.00 5.50 -1.42
N GLU A 27 -5.34 6.49 -0.82
CA GLU A 27 -3.92 6.39 -0.52
C GLU A 27 -3.68 5.23 0.42
N GLU A 28 -4.55 5.09 1.42
CA GLU A 28 -4.45 4.02 2.39
C GLU A 28 -4.69 2.66 1.74
N HIS A 29 -5.69 2.61 0.87
CA HIS A 29 -6.04 1.38 0.16
C HIS A 29 -4.89 0.99 -0.76
N VAL A 30 -4.42 1.93 -1.55
CA VAL A 30 -3.31 1.69 -2.46
C VAL A 30 -2.10 1.21 -1.67
N GLU A 31 -1.84 1.86 -0.55
CA GLU A 31 -0.72 1.50 0.31
C GLU A 31 -0.98 0.17 1.00
N SER A 32 -2.25 -0.19 1.15
CA SER A 32 -2.62 -1.44 1.78
C SER A 32 -1.96 -2.62 1.05
N HIS A 33 -1.90 -2.50 -0.28
CA HIS A 33 -1.29 -3.55 -1.09
C HIS A 33 0.23 -3.54 -0.93
N TRP A 34 0.78 -2.39 -0.55
CA TRP A 34 2.22 -2.25 -0.36
C TRP A 34 2.70 -3.06 0.83
N LYS A 35 3.99 -3.34 0.87
CA LYS A 35 4.59 -4.10 1.97
C LYS A 35 4.96 -3.14 3.10
N VAL A 36 4.31 -3.27 4.23
CA VAL A 36 4.58 -2.39 5.37
C VAL A 36 5.04 -3.16 6.61
N CYS A 37 6.07 -2.64 7.23
CA CYS A 37 6.63 -3.23 8.44
C CYS A 37 5.76 -2.87 9.64
N PRO A 38 5.36 -3.86 10.45
CA PRO A 38 4.51 -3.64 11.62
C PRO A 38 5.29 -3.27 12.89
N MET A 39 6.61 -3.34 12.81
CA MET A 39 7.45 -3.02 13.97
C MET A 39 7.75 -1.52 14.03
N CYS A 40 7.73 -0.86 12.88
CA CYS A 40 8.01 0.58 12.83
C CYS A 40 6.95 1.32 12.02
N SER A 41 6.32 0.62 11.08
CA SER A 41 5.27 1.20 10.22
C SER A 41 5.86 1.85 8.97
N GLU A 42 6.87 1.21 8.39
CA GLU A 42 7.49 1.71 7.17
C GLU A 42 6.77 1.18 5.95
N GLN A 43 6.72 1.97 4.89
CA GLN A 43 6.06 1.53 3.67
C GLN A 43 7.07 1.16 2.60
N PHE A 44 6.86 -0.01 2.01
CA PHE A 44 7.72 -0.53 0.95
C PHE A 44 6.92 -0.72 -0.35
N PRO A 45 7.27 0.01 -1.43
CA PRO A 45 6.58 -0.11 -2.70
C PRO A 45 6.63 -1.54 -3.25
N PRO A 46 5.61 -1.93 -4.05
CA PRO A 46 5.56 -3.28 -4.63
C PRO A 46 6.83 -3.65 -5.39
N ASP A 47 7.57 -2.63 -5.83
CA ASP A 47 8.80 -2.85 -6.57
C ASP A 47 9.97 -3.14 -5.62
N TYR A 48 9.75 -2.89 -4.33
CA TYR A 48 10.78 -3.14 -3.33
C TYR A 48 11.07 -4.63 -3.19
N ASP A 49 12.35 -4.97 -3.12
CA ASP A 49 12.76 -6.36 -2.99
C ASP A 49 12.32 -6.92 -1.64
N GLN A 50 11.55 -8.01 -1.68
CA GLN A 50 11.07 -8.64 -0.47
C GLN A 50 12.21 -9.00 0.47
N GLN A 51 13.36 -9.35 -0.12
CA GLN A 51 14.54 -9.71 0.67
C GLN A 51 14.95 -8.54 1.55
N VAL A 52 15.00 -7.35 0.97
CA VAL A 52 15.37 -6.15 1.70
C VAL A 52 14.33 -5.82 2.76
N PHE A 53 13.06 -5.95 2.39
CA PHE A 53 11.97 -5.69 3.31
C PHE A 53 12.01 -6.66 4.48
N GLU A 54 12.08 -7.95 4.16
CA GLU A 54 12.13 -8.99 5.19
C GLU A 54 13.30 -8.74 6.14
N ARG A 55 14.41 -8.27 5.58
CA ARG A 55 15.59 -7.97 6.38
C ARG A 55 15.31 -6.82 7.33
N HIS A 56 14.57 -5.84 6.83
CA HIS A 56 14.20 -4.67 7.64
C HIS A 56 13.22 -5.06 8.73
N VAL A 57 12.19 -5.82 8.36
CA VAL A 57 11.19 -6.25 9.35
C VAL A 57 11.85 -7.19 10.35
N GLN A 58 12.72 -8.06 9.85
CA GLN A 58 13.43 -9.00 10.70
C GLN A 58 14.37 -8.24 11.63
N THR A 59 14.85 -7.10 11.15
CA THR A 59 15.75 -6.26 11.92
C THR A 59 15.08 -5.82 13.21
N HIS A 60 13.75 -5.78 13.19
CA HIS A 60 12.98 -5.39 14.37
C HIS A 60 12.73 -6.60 15.28
N PHE A 61 12.67 -7.77 14.68
CA PHE A 61 12.44 -9.01 15.43
C PHE A 61 13.66 -9.39 16.26
N ASP A 62 14.79 -8.72 15.99
CA ASP A 62 16.03 -8.99 16.71
C ASP A 62 16.20 -8.03 17.89
N GLN A 63 15.10 -7.47 18.38
CA GLN A 63 15.14 -6.54 19.49
C GLN A 63 15.06 -7.27 20.82
N ASN A 64 15.45 -6.59 21.90
CA ASN A 64 15.41 -7.18 23.23
C ASN A 64 13.98 -7.39 23.70
ZN ZN B . -5.98 -1.30 -4.72
ZN ZN C . 10.29 -1.81 10.32
N SER A 2 -28.39 5.11 -11.77
CA SER A 2 -27.19 5.93 -11.48
C SER A 2 -25.99 5.49 -12.30
N SER A 3 -25.56 6.33 -13.22
CA SER A 3 -24.42 6.02 -14.08
C SER A 3 -23.24 6.94 -13.77
N PHE A 4 -22.05 6.49 -14.13
CA PHE A 4 -20.83 7.27 -13.89
C PHE A 4 -19.87 7.17 -15.07
N ASP A 5 -18.88 8.05 -15.11
CA ASP A 5 -17.90 8.05 -16.18
C ASP A 5 -16.51 8.42 -15.65
N VAL A 6 -16.26 8.08 -14.38
CA VAL A 6 -14.98 8.37 -13.75
C VAL A 6 -14.85 7.64 -12.42
N HIS A 7 -14.08 6.55 -12.43
CA HIS A 7 -13.87 5.76 -11.22
C HIS A 7 -12.38 5.68 -10.87
N LYS A 8 -12.08 5.70 -9.57
CA LYS A 8 -10.71 5.63 -9.11
C LYS A 8 -10.26 4.18 -8.96
N LYS A 9 -9.34 3.74 -9.82
CA LYS A 9 -8.83 2.38 -9.78
C LYS A 9 -7.43 2.34 -9.19
N CYS A 10 -7.27 1.58 -8.12
CA CYS A 10 -5.97 1.45 -7.47
C CYS A 10 -5.03 0.58 -8.30
N PRO A 11 -3.73 0.92 -8.34
CA PRO A 11 -2.74 0.17 -9.11
C PRO A 11 -2.17 -1.02 -8.36
N LEU A 12 -2.94 -1.56 -7.41
CA LEU A 12 -2.50 -2.70 -6.62
C LEU A 12 -3.60 -3.76 -6.52
N CYS A 13 -4.76 -3.48 -7.10
CA CYS A 13 -5.89 -4.41 -7.06
C CYS A 13 -6.78 -4.23 -8.28
N GLU A 14 -7.93 -4.90 -8.26
CA GLU A 14 -8.88 -4.80 -9.37
C GLU A 14 -10.23 -4.29 -8.88
N LEU A 15 -10.19 -3.29 -7.98
CA LEU A 15 -11.41 -2.70 -7.44
C LEU A 15 -11.63 -1.30 -8.00
N MET A 16 -12.91 -0.93 -8.14
CA MET A 16 -13.26 0.38 -8.66
C MET A 16 -13.92 1.23 -7.58
N PHE A 17 -13.45 2.47 -7.45
CA PHE A 17 -14.00 3.38 -6.44
C PHE A 17 -14.87 4.46 -7.08
N PRO A 18 -15.94 4.88 -6.38
CA PRO A 18 -16.86 5.90 -6.89
C PRO A 18 -16.20 7.29 -6.98
N PRO A 19 -16.74 8.16 -7.85
CA PRO A 19 -16.20 9.52 -8.03
C PRO A 19 -16.24 10.33 -6.75
N ASN A 20 -17.14 9.95 -5.83
CA ASN A 20 -17.27 10.64 -4.56
C ASN A 20 -16.38 10.01 -3.49
N TYR A 21 -15.47 9.14 -3.91
CA TYR A 21 -14.56 8.48 -2.99
C TYR A 21 -13.47 9.41 -2.50
N ASP A 22 -13.25 9.44 -1.19
CA ASP A 22 -12.25 10.31 -0.60
C ASP A 22 -10.84 9.85 -1.00
N GLN A 23 -10.03 10.79 -1.47
CA GLN A 23 -8.67 10.48 -1.89
C GLN A 23 -7.85 9.93 -0.71
N SER A 24 -8.03 10.54 0.45
CA SER A 24 -7.32 10.09 1.65
C SER A 24 -7.55 8.61 1.89
N LYS A 25 -8.79 8.17 1.73
CA LYS A 25 -9.14 6.78 1.90
C LYS A 25 -8.46 5.95 0.82
N PHE A 26 -8.35 6.54 -0.37
CA PHE A 26 -7.70 5.88 -1.49
C PHE A 26 -6.22 5.71 -1.21
N GLU A 27 -5.61 6.74 -0.61
CA GLU A 27 -4.20 6.70 -0.27
C GLU A 27 -3.94 5.57 0.72
N GLU A 28 -4.87 5.42 1.66
CA GLU A 28 -4.78 4.38 2.67
C GLU A 28 -4.98 3.00 2.05
N HIS A 29 -5.95 2.92 1.14
CA HIS A 29 -6.24 1.66 0.46
C HIS A 29 -5.05 1.24 -0.38
N VAL A 30 -4.55 2.17 -1.18
CA VAL A 30 -3.39 1.91 -2.03
C VAL A 30 -2.20 1.50 -1.17
N GLU A 31 -2.06 2.15 -0.02
CA GLU A 31 -0.98 1.84 0.90
C GLU A 31 -1.20 0.49 1.58
N SER A 32 -2.47 0.10 1.70
CA SER A 32 -2.81 -1.17 2.33
C SER A 32 -2.13 -2.33 1.60
N HIS A 33 -2.07 -2.22 0.27
CA HIS A 33 -1.43 -3.25 -0.55
C HIS A 33 0.08 -3.20 -0.42
N TRP A 34 0.61 -2.04 -0.05
CA TRP A 34 2.05 -1.86 0.10
C TRP A 34 2.59 -2.70 1.24
N LYS A 35 3.88 -3.02 1.18
CA LYS A 35 4.53 -3.80 2.22
C LYS A 35 4.94 -2.89 3.37
N VAL A 36 4.32 -3.08 4.53
CA VAL A 36 4.64 -2.24 5.68
C VAL A 36 5.14 -3.05 6.87
N CYS A 37 6.21 -2.54 7.48
CA CYS A 37 6.80 -3.18 8.65
C CYS A 37 6.00 -2.83 9.90
N PRO A 38 5.63 -3.85 10.70
CA PRO A 38 4.85 -3.64 11.92
C PRO A 38 5.69 -3.34 13.15
N MET A 39 7.01 -3.46 13.03
CA MET A 39 7.90 -3.21 14.16
C MET A 39 8.28 -1.73 14.26
N CYS A 40 8.27 -1.04 13.13
CA CYS A 40 8.61 0.39 13.12
C CYS A 40 7.56 1.22 12.38
N SER A 41 6.83 0.57 11.46
CA SER A 41 5.77 1.24 10.68
C SER A 41 6.35 1.88 9.42
N GLU A 42 7.25 1.16 8.74
CA GLU A 42 7.84 1.65 7.51
C GLU A 42 7.02 1.21 6.32
N GLN A 43 6.92 2.06 5.29
CA GLN A 43 6.16 1.70 4.11
C GLN A 43 7.09 1.36 2.95
N PHE A 44 6.81 0.24 2.31
CA PHE A 44 7.59 -0.23 1.18
C PHE A 44 6.71 -0.34 -0.07
N PRO A 45 7.03 0.40 -1.14
CA PRO A 45 6.26 0.35 -2.39
C PRO A 45 6.21 -1.06 -2.97
N PRO A 46 5.20 -1.34 -3.81
CA PRO A 46 5.04 -2.66 -4.43
C PRO A 46 6.22 -3.03 -5.33
N ASP A 47 6.97 -2.02 -5.75
CA ASP A 47 8.14 -2.24 -6.60
C ASP A 47 9.35 -2.64 -5.78
N TYR A 48 9.24 -2.49 -4.45
CA TYR A 48 10.34 -2.84 -3.55
C TYR A 48 10.55 -4.34 -3.52
N ASP A 49 11.80 -4.75 -3.36
CA ASP A 49 12.13 -6.17 -3.30
C ASP A 49 11.71 -6.78 -1.97
N GLN A 50 10.91 -7.84 -2.02
CA GLN A 50 10.44 -8.50 -0.82
C GLN A 50 11.60 -8.94 0.06
N GLN A 51 12.70 -9.35 -0.57
CA GLN A 51 13.88 -9.78 0.15
C GLN A 51 14.39 -8.66 1.05
N VAL A 52 14.48 -7.45 0.50
CA VAL A 52 14.95 -6.30 1.26
C VAL A 52 13.98 -5.97 2.38
N PHE A 53 12.69 -6.02 2.09
CA PHE A 53 11.66 -5.73 3.08
C PHE A 53 11.75 -6.73 4.23
N GLU A 54 11.75 -8.01 3.90
CA GLU A 54 11.85 -9.06 4.91
C GLU A 54 13.07 -8.85 5.80
N ARG A 55 14.18 -8.47 5.18
CA ARG A 55 15.41 -8.22 5.92
C ARG A 55 15.20 -7.07 6.91
N HIS A 56 14.50 -6.04 6.46
CA HIS A 56 14.22 -4.88 7.29
C HIS A 56 13.31 -5.26 8.46
N VAL A 57 12.23 -5.97 8.17
CA VAL A 57 11.30 -6.39 9.22
C VAL A 57 11.98 -7.39 10.14
N GLN A 58 12.89 -8.18 9.58
CA GLN A 58 13.62 -9.18 10.34
C GLN A 58 14.58 -8.51 11.32
N THR A 59 15.12 -7.36 10.91
CA THR A 59 16.06 -6.63 11.75
C THR A 59 15.40 -6.22 13.07
N HIS A 60 14.08 -6.11 13.04
CA HIS A 60 13.33 -5.73 14.23
C HIS A 60 13.07 -6.94 15.13
N PHE A 61 12.96 -8.11 14.50
CA PHE A 61 12.71 -9.34 15.24
C PHE A 61 13.96 -9.79 15.99
N ASP A 62 15.13 -9.43 15.46
CA ASP A 62 16.39 -9.80 16.08
C ASP A 62 16.84 -8.73 17.10
N GLN A 63 16.32 -7.52 16.94
CA GLN A 63 16.67 -6.42 17.84
C GLN A 63 15.77 -6.43 19.07
N ASN A 64 16.14 -5.64 20.08
CA ASN A 64 15.37 -5.56 21.30
C ASN A 64 15.36 -4.14 21.86
ZN ZN B . -5.91 -1.24 -4.34
ZN ZN C . 10.67 -1.94 10.38
N SER A 2 -12.03 17.30 -16.17
CA SER A 2 -12.16 17.86 -17.54
C SER A 2 -11.89 16.81 -18.60
N SER A 3 -10.85 16.01 -18.39
CA SER A 3 -10.50 14.95 -19.34
C SER A 3 -9.97 13.73 -18.60
N PHE A 4 -10.48 13.50 -17.39
CA PHE A 4 -10.06 12.35 -16.59
C PHE A 4 -11.23 11.40 -16.35
N ASP A 5 -10.95 10.28 -15.69
CA ASP A 5 -11.98 9.29 -15.40
C ASP A 5 -12.84 9.74 -14.22
N VAL A 6 -13.86 8.94 -13.91
CA VAL A 6 -14.77 9.26 -12.81
C VAL A 6 -14.58 8.27 -11.66
N HIS A 7 -14.20 7.05 -11.98
CA HIS A 7 -13.99 6.02 -10.96
C HIS A 7 -12.50 5.82 -10.70
N LYS A 8 -12.12 5.90 -9.42
CA LYS A 8 -10.73 5.72 -9.03
C LYS A 8 -10.39 4.24 -8.91
N LYS A 9 -9.52 3.76 -9.80
CA LYS A 9 -9.13 2.36 -9.79
C LYS A 9 -7.69 2.21 -9.29
N CYS A 10 -7.53 1.46 -8.19
CA CYS A 10 -6.21 1.23 -7.61
C CYS A 10 -5.41 0.26 -8.47
N PRO A 11 -4.24 0.70 -8.98
CA PRO A 11 -3.38 -0.12 -9.84
C PRO A 11 -2.96 -1.44 -9.18
N LEU A 12 -2.95 -1.45 -7.85
CA LEU A 12 -2.55 -2.64 -7.10
C LEU A 12 -3.62 -3.72 -7.15
N CYS A 13 -4.86 -3.32 -7.38
CA CYS A 13 -5.97 -4.26 -7.45
C CYS A 13 -6.92 -3.93 -8.59
N GLU A 14 -8.06 -4.60 -8.63
CA GLU A 14 -9.05 -4.39 -9.69
C GLU A 14 -10.37 -3.90 -9.10
N LEU A 15 -10.28 -2.98 -8.13
CA LEU A 15 -11.47 -2.44 -7.48
C LEU A 15 -11.75 -1.02 -7.98
N MET A 16 -13.03 -0.73 -8.22
CA MET A 16 -13.44 0.59 -8.69
C MET A 16 -14.05 1.40 -7.55
N PHE A 17 -13.61 2.64 -7.41
CA PHE A 17 -14.11 3.52 -6.36
C PHE A 17 -14.99 4.63 -6.94
N PRO A 18 -16.07 4.99 -6.25
CA PRO A 18 -16.99 6.04 -6.70
C PRO A 18 -16.32 7.41 -6.78
N PRO A 19 -16.86 8.31 -7.62
CA PRO A 19 -16.31 9.67 -7.79
C PRO A 19 -16.30 10.46 -6.48
N ASN A 20 -17.21 10.10 -5.57
CA ASN A 20 -17.31 10.78 -4.29
C ASN A 20 -16.39 10.11 -3.25
N TYR A 21 -15.53 9.22 -3.71
CA TYR A 21 -14.60 8.52 -2.83
C TYR A 21 -13.47 9.45 -2.40
N ASP A 22 -13.22 9.51 -1.10
CA ASP A 22 -12.16 10.36 -0.57
C ASP A 22 -10.78 9.84 -0.99
N GLN A 23 -9.96 10.73 -1.51
CA GLN A 23 -8.61 10.36 -1.95
C GLN A 23 -7.80 9.78 -0.80
N SER A 24 -7.95 10.38 0.38
CA SER A 24 -7.23 9.92 1.57
C SER A 24 -7.49 8.43 1.79
N LYS A 25 -8.73 8.01 1.59
CA LYS A 25 -9.10 6.62 1.75
C LYS A 25 -8.44 5.80 0.67
N PHE A 26 -8.31 6.40 -0.51
CA PHE A 26 -7.67 5.73 -1.64
C PHE A 26 -6.19 5.55 -1.36
N GLU A 27 -5.58 6.56 -0.76
CA GLU A 27 -4.17 6.49 -0.42
C GLU A 27 -3.93 5.35 0.57
N GLU A 28 -4.85 5.22 1.52
CA GLU A 28 -4.77 4.18 2.54
C GLU A 28 -5.00 2.80 1.90
N HIS A 29 -5.99 2.73 1.02
CA HIS A 29 -6.30 1.48 0.33
C HIS A 29 -5.12 1.04 -0.52
N VAL A 30 -4.62 1.98 -1.33
CA VAL A 30 -3.48 1.71 -2.19
C VAL A 30 -2.30 1.27 -1.34
N GLU A 31 -2.12 1.92 -0.20
CA GLU A 31 -1.04 1.61 0.72
C GLU A 31 -1.29 0.27 1.40
N SER A 32 -2.57 -0.10 1.52
CA SER A 32 -2.94 -1.36 2.15
C SER A 32 -2.25 -2.52 1.45
N HIS A 33 -2.15 -2.44 0.13
CA HIS A 33 -1.50 -3.48 -0.66
C HIS A 33 0.01 -3.43 -0.49
N TRP A 34 0.53 -2.26 -0.13
CA TRP A 34 1.97 -2.09 0.05
C TRP A 34 2.48 -2.91 1.22
N LYS A 35 3.77 -3.20 1.21
CA LYS A 35 4.40 -3.96 2.29
C LYS A 35 4.84 -3.03 3.40
N VAL A 36 4.24 -3.18 4.58
CA VAL A 36 4.59 -2.32 5.70
C VAL A 36 5.09 -3.10 6.90
N CYS A 37 6.18 -2.61 7.48
CA CYS A 37 6.78 -3.22 8.65
C CYS A 37 5.97 -2.88 9.90
N PRO A 38 5.62 -3.90 10.73
CA PRO A 38 4.84 -3.69 11.94
C PRO A 38 5.68 -3.35 13.17
N MET A 39 7.00 -3.44 13.03
CA MET A 39 7.89 -3.15 14.15
C MET A 39 8.23 -1.67 14.23
N CYS A 40 8.18 -0.99 13.09
CA CYS A 40 8.49 0.45 13.05
C CYS A 40 7.41 1.23 12.30
N SER A 41 6.70 0.55 11.40
CA SER A 41 5.63 1.17 10.61
C SER A 41 6.17 1.84 9.35
N GLU A 42 7.06 1.16 8.65
CA GLU A 42 7.64 1.68 7.41
C GLU A 42 6.83 1.20 6.22
N GLN A 43 6.76 2.02 5.18
CA GLN A 43 6.01 1.63 3.99
C GLN A 43 6.96 1.24 2.86
N PHE A 44 6.69 0.10 2.26
CA PHE A 44 7.50 -0.41 1.15
C PHE A 44 6.64 -0.58 -0.10
N PRO A 45 6.99 0.13 -1.19
CA PRO A 45 6.23 0.03 -2.46
C PRO A 45 6.19 -1.40 -2.98
N PRO A 46 5.20 -1.71 -3.83
CA PRO A 46 5.04 -3.05 -4.40
C PRO A 46 6.21 -3.44 -5.30
N ASP A 47 6.89 -2.43 -5.84
CA ASP A 47 8.03 -2.67 -6.72
C ASP A 47 9.30 -2.94 -5.90
N TYR A 48 9.18 -2.87 -4.58
CA TYR A 48 10.31 -3.11 -3.69
C TYR A 48 10.68 -4.58 -3.66
N ASP A 49 11.88 -4.88 -3.17
CA ASP A 49 12.36 -6.26 -3.09
C ASP A 49 12.02 -6.86 -1.72
N GLN A 50 11.32 -7.99 -1.74
CA GLN A 50 10.94 -8.65 -0.49
C GLN A 50 12.16 -8.95 0.36
N GLN A 51 13.30 -9.17 -0.28
CA GLN A 51 14.54 -9.47 0.43
C GLN A 51 14.92 -8.29 1.33
N VAL A 52 14.82 -7.08 0.79
CA VAL A 52 15.14 -5.87 1.54
C VAL A 52 14.11 -5.64 2.63
N PHE A 53 12.85 -5.89 2.31
CA PHE A 53 11.77 -5.72 3.28
C PHE A 53 11.88 -6.73 4.40
N GLU A 54 12.00 -8.01 4.04
CA GLU A 54 12.10 -9.08 5.02
C GLU A 54 13.27 -8.83 5.96
N ARG A 55 14.40 -8.42 5.40
CA ARG A 55 15.58 -8.14 6.20
C ARG A 55 15.32 -6.97 7.14
N HIS A 56 14.59 -5.96 6.63
CA HIS A 56 14.26 -4.79 7.44
C HIS A 56 13.33 -5.17 8.59
N VAL A 57 12.27 -5.92 8.27
CA VAL A 57 11.33 -6.35 9.31
C VAL A 57 12.02 -7.29 10.27
N GLN A 58 12.86 -8.18 9.72
CA GLN A 58 13.61 -9.13 10.53
C GLN A 58 14.61 -8.39 11.40
N THR A 59 15.10 -7.26 10.89
CA THR A 59 16.06 -6.44 11.62
C THR A 59 15.46 -5.99 12.95
N HIS A 60 14.13 -5.92 12.99
CA HIS A 60 13.44 -5.51 14.20
C HIS A 60 13.23 -6.70 15.14
N PHE A 61 13.10 -7.88 14.56
CA PHE A 61 12.90 -9.10 15.33
C PHE A 61 14.16 -9.49 16.10
N ASP A 62 15.31 -9.08 15.56
CA ASP A 62 16.59 -9.39 16.19
C ASP A 62 16.95 -8.35 17.25
N GLN A 63 16.35 -7.16 17.14
CA GLN A 63 16.61 -6.09 18.09
C GLN A 63 15.36 -5.25 18.33
N ASN A 64 15.03 -5.03 19.60
CA ASN A 64 13.85 -4.26 19.96
C ASN A 64 14.09 -2.76 19.73
ZN ZN B . -6.06 -1.40 -4.46
ZN ZN C . 10.58 -1.90 10.35
N SER A 2 -8.99 -1.75 -17.95
CA SER A 2 -9.95 -1.53 -19.07
C SER A 2 -10.97 -0.46 -18.71
N SER A 3 -11.84 -0.14 -19.67
CA SER A 3 -12.88 0.87 -19.46
C SER A 3 -12.25 2.23 -19.13
N PHE A 4 -13.09 3.26 -19.11
CA PHE A 4 -12.61 4.60 -18.81
C PHE A 4 -13.68 5.39 -18.05
N ASP A 5 -14.49 4.69 -17.26
CA ASP A 5 -15.55 5.31 -16.47
C ASP A 5 -14.96 6.33 -15.51
N VAL A 6 -15.82 6.91 -14.68
CA VAL A 6 -15.40 7.91 -13.70
C VAL A 6 -15.14 7.26 -12.34
N HIS A 7 -14.48 6.11 -12.36
CA HIS A 7 -14.16 5.40 -11.12
C HIS A 7 -12.65 5.31 -10.91
N LYS A 8 -12.23 5.41 -9.66
CA LYS A 8 -10.80 5.33 -9.33
C LYS A 8 -10.38 3.88 -9.13
N LYS A 9 -9.38 3.45 -9.90
CA LYS A 9 -8.88 2.09 -9.81
C LYS A 9 -7.48 2.06 -9.22
N CYS A 10 -7.33 1.36 -8.10
CA CYS A 10 -6.04 1.24 -7.43
C CYS A 10 -5.10 0.31 -8.21
N PRO A 11 -3.81 0.66 -8.30
CA PRO A 11 -2.82 -0.15 -9.03
C PRO A 11 -2.31 -1.34 -8.24
N LEU A 12 -3.11 -1.82 -7.29
CA LEU A 12 -2.72 -2.96 -6.47
C LEU A 12 -3.86 -3.97 -6.31
N CYS A 13 -5.02 -3.65 -6.88
CA CYS A 13 -6.18 -4.54 -6.80
C CYS A 13 -7.09 -4.35 -8.00
N GLU A 14 -8.28 -4.96 -7.94
CA GLU A 14 -9.25 -4.85 -9.03
C GLU A 14 -10.58 -4.30 -8.52
N LEU A 15 -10.50 -3.27 -7.68
CA LEU A 15 -11.70 -2.66 -7.12
C LEU A 15 -11.95 -1.29 -7.74
N MET A 16 -13.22 -0.89 -7.80
CA MET A 16 -13.59 0.41 -8.38
C MET A 16 -14.15 1.33 -7.29
N PHE A 17 -13.66 2.57 -7.26
CA PHE A 17 -14.10 3.53 -6.27
C PHE A 17 -14.98 4.62 -6.92
N PRO A 18 -16.03 5.06 -6.22
CA PRO A 18 -16.96 6.09 -6.73
C PRO A 18 -16.27 7.44 -6.91
N PRO A 19 -16.83 8.29 -7.80
CA PRO A 19 -16.27 9.63 -8.07
C PRO A 19 -16.19 10.49 -6.82
N ASN A 20 -17.04 10.20 -5.85
CA ASN A 20 -17.05 10.95 -4.59
C ASN A 20 -16.12 10.32 -3.56
N TYR A 21 -15.26 9.42 -4.00
CA TYR A 21 -14.32 8.76 -3.12
C TYR A 21 -13.17 9.70 -2.75
N ASP A 22 -12.91 9.84 -1.46
CA ASP A 22 -11.85 10.70 -0.97
C ASP A 22 -10.48 10.15 -1.37
N GLN A 23 -9.64 11.01 -1.93
CA GLN A 23 -8.30 10.60 -2.34
C GLN A 23 -7.49 10.10 -1.15
N SER A 24 -7.63 10.78 -0.02
CA SER A 24 -6.90 10.39 1.19
C SER A 24 -7.18 8.92 1.53
N LYS A 25 -8.45 8.55 1.45
CA LYS A 25 -8.84 7.17 1.71
C LYS A 25 -8.24 6.26 0.66
N PHE A 26 -8.15 6.77 -0.56
CA PHE A 26 -7.58 6.02 -1.67
C PHE A 26 -6.10 5.77 -1.42
N GLU A 27 -5.41 6.80 -0.92
CA GLU A 27 -4.00 6.69 -0.62
C GLU A 27 -3.78 5.62 0.44
N GLU A 28 -4.67 5.59 1.42
CA GLU A 28 -4.60 4.61 2.49
C GLU A 28 -4.86 3.20 1.96
N HIS A 29 -5.85 3.10 1.08
CA HIS A 29 -6.20 1.82 0.48
C HIS A 29 -5.05 1.31 -0.37
N VAL A 30 -4.54 2.18 -1.23
CA VAL A 30 -3.41 1.84 -2.09
C VAL A 30 -2.23 1.42 -1.23
N GLU A 31 -2.06 2.11 -0.10
CA GLU A 31 -0.98 1.82 0.83
C GLU A 31 -1.24 0.51 1.56
N SER A 32 -2.51 0.16 1.72
CA SER A 32 -2.87 -1.08 2.39
C SER A 32 -2.22 -2.28 1.71
N HIS A 33 -2.17 -2.23 0.38
CA HIS A 33 -1.56 -3.30 -0.40
C HIS A 33 -0.03 -3.27 -0.30
N TRP A 34 0.52 -2.10 0.05
CA TRP A 34 1.96 -1.95 0.16
C TRP A 34 2.52 -2.80 1.30
N LYS A 35 3.81 -3.09 1.23
CA LYS A 35 4.47 -3.89 2.25
C LYS A 35 4.87 -3.00 3.42
N VAL A 36 4.24 -3.22 4.58
CA VAL A 36 4.54 -2.40 5.74
C VAL A 36 5.05 -3.24 6.91
N CYS A 37 6.10 -2.74 7.54
CA CYS A 37 6.70 -3.40 8.68
C CYS A 37 5.89 -3.11 9.95
N PRO A 38 5.52 -4.15 10.71
CA PRO A 38 4.73 -3.99 11.92
C PRO A 38 5.56 -3.69 13.16
N MET A 39 6.88 -3.77 13.04
CA MET A 39 7.76 -3.51 14.17
C MET A 39 8.09 -2.02 14.29
N CYS A 40 8.06 -1.31 13.16
CA CYS A 40 8.36 0.12 13.17
C CYS A 40 7.29 0.92 12.41
N SER A 41 6.52 0.25 11.57
CA SER A 41 5.46 0.90 10.80
C SER A 41 6.01 1.57 9.54
N GLU A 42 7.01 0.95 8.92
CA GLU A 42 7.62 1.48 7.70
C GLU A 42 6.81 1.05 6.49
N GLN A 43 6.71 1.94 5.50
CA GLN A 43 5.96 1.60 4.30
C GLN A 43 6.90 1.31 3.14
N PHE A 44 6.66 0.20 2.47
CA PHE A 44 7.45 -0.21 1.33
C PHE A 44 6.58 -0.32 0.07
N PRO A 45 6.88 0.47 -0.98
CA PRO A 45 6.11 0.43 -2.23
C PRO A 45 6.13 -0.96 -2.86
N PRO A 46 5.13 -1.27 -3.71
CA PRO A 46 5.05 -2.57 -4.37
C PRO A 46 6.28 -2.88 -5.22
N ASP A 47 6.99 -1.83 -5.61
CA ASP A 47 8.21 -1.99 -6.41
C ASP A 47 9.41 -2.34 -5.53
N TYR A 48 9.24 -2.19 -4.22
CA TYR A 48 10.31 -2.50 -3.28
C TYR A 48 10.65 -3.98 -3.30
N ASP A 49 11.94 -4.29 -3.29
CA ASP A 49 12.40 -5.67 -3.29
C ASP A 49 12.06 -6.36 -1.98
N GLN A 50 11.36 -7.49 -2.06
CA GLN A 50 10.97 -8.24 -0.87
C GLN A 50 12.19 -8.59 -0.03
N GLN A 51 13.32 -8.81 -0.69
CA GLN A 51 14.56 -9.13 0.02
C GLN A 51 14.94 -8.02 0.98
N VAL A 52 14.85 -6.78 0.51
CA VAL A 52 15.17 -5.63 1.33
C VAL A 52 14.14 -5.46 2.44
N PHE A 53 12.88 -5.68 2.11
CA PHE A 53 11.81 -5.56 3.09
C PHE A 53 11.92 -6.64 4.15
N GLU A 54 12.05 -7.89 3.70
CA GLU A 54 12.17 -9.01 4.62
C GLU A 54 13.32 -8.80 5.59
N ARG A 55 14.45 -8.36 5.07
CA ARG A 55 15.61 -8.09 5.90
C ARG A 55 15.32 -6.98 6.89
N HIS A 56 14.58 -5.97 6.44
CA HIS A 56 14.21 -4.85 7.30
C HIS A 56 13.30 -5.30 8.44
N VAL A 57 12.27 -6.06 8.10
CA VAL A 57 11.34 -6.55 9.11
C VAL A 57 12.04 -7.56 10.02
N GLN A 58 13.00 -8.28 9.44
CA GLN A 58 13.76 -9.27 10.19
C GLN A 58 14.66 -8.60 11.21
N THR A 59 15.15 -7.41 10.87
CA THR A 59 16.02 -6.66 11.77
C THR A 59 15.32 -6.36 13.09
N HIS A 60 13.99 -6.32 13.03
CA HIS A 60 13.18 -6.05 14.21
C HIS A 60 12.93 -7.33 15.01
N PHE A 61 12.87 -8.46 14.30
CA PHE A 61 12.64 -9.75 14.94
C PHE A 61 13.86 -10.20 15.74
N ASP A 62 15.02 -9.64 15.42
CA ASP A 62 16.26 -9.99 16.11
C ASP A 62 16.55 -9.01 17.26
N GLN A 63 15.50 -8.36 17.76
CA GLN A 63 15.65 -7.41 18.85
C GLN A 63 14.31 -7.13 19.53
N ASN A 64 14.29 -7.23 20.85
CA ASN A 64 13.09 -6.99 21.61
C ASN A 64 13.01 -5.54 22.08
ZN ZN B . -6.09 -1.29 -4.16
ZN ZN C . 10.53 -2.13 10.44
N SER A 2 -18.03 16.09 -19.40
CA SER A 2 -18.30 14.72 -19.88
C SER A 2 -17.67 13.67 -18.98
N SER A 3 -18.49 12.77 -18.46
CA SER A 3 -18.01 11.71 -17.57
C SER A 3 -18.98 10.55 -17.54
N PHE A 4 -18.56 9.41 -18.11
CA PHE A 4 -19.39 8.23 -18.15
C PHE A 4 -19.19 7.36 -16.91
N ASP A 5 -17.93 7.15 -16.55
CA ASP A 5 -17.60 6.34 -15.37
C ASP A 5 -16.34 6.87 -14.69
N VAL A 6 -16.49 7.96 -13.94
CA VAL A 6 -15.37 8.55 -13.23
C VAL A 6 -15.13 7.86 -11.89
N HIS A 7 -14.60 6.64 -11.95
CA HIS A 7 -14.33 5.87 -10.74
C HIS A 7 -12.83 5.69 -10.53
N LYS A 8 -12.40 5.74 -9.28
CA LYS A 8 -11.00 5.57 -8.94
C LYS A 8 -10.61 4.09 -8.94
N LYS A 9 -9.61 3.75 -9.74
CA LYS A 9 -9.15 2.37 -9.83
C LYS A 9 -7.72 2.23 -9.32
N CYS A 10 -7.54 1.42 -8.29
CA CYS A 10 -6.22 1.20 -7.71
C CYS A 10 -5.43 0.20 -8.55
N PRO A 11 -4.29 0.64 -9.13
CA PRO A 11 -3.45 -0.22 -9.97
C PRO A 11 -3.03 -1.51 -9.28
N LEU A 12 -3.03 -1.50 -7.95
CA LEU A 12 -2.62 -2.68 -7.18
C LEU A 12 -3.74 -3.72 -7.10
N CYS A 13 -4.94 -3.34 -7.52
CA CYS A 13 -6.08 -4.25 -7.48
C CYS A 13 -7.09 -3.92 -8.56
N GLU A 14 -8.25 -4.57 -8.50
CA GLU A 14 -9.31 -4.34 -9.48
C GLU A 14 -10.57 -3.83 -8.78
N LEU A 15 -10.39 -2.96 -7.79
CA LEU A 15 -11.51 -2.41 -7.04
C LEU A 15 -11.92 -1.04 -7.60
N MET A 16 -13.22 -0.82 -7.70
CA MET A 16 -13.73 0.44 -8.21
C MET A 16 -14.23 1.32 -7.07
N PHE A 17 -13.83 2.59 -7.08
CA PHE A 17 -14.23 3.52 -6.04
C PHE A 17 -15.14 4.62 -6.60
N PRO A 18 -16.13 5.08 -5.81
CA PRO A 18 -17.07 6.12 -6.23
C PRO A 18 -16.40 7.47 -6.48
N PRO A 19 -17.02 8.33 -7.31
CA PRO A 19 -16.46 9.66 -7.61
C PRO A 19 -16.31 10.51 -6.36
N ASN A 20 -17.13 10.24 -5.36
CA ASN A 20 -17.09 10.98 -4.10
C ASN A 20 -16.12 10.33 -3.10
N TYR A 21 -15.29 9.40 -3.61
CA TYR A 21 -14.33 8.71 -2.77
C TYR A 21 -13.16 9.62 -2.42
N ASP A 22 -12.86 9.74 -1.13
CA ASP A 22 -11.78 10.58 -0.67
C ASP A 22 -10.43 10.01 -1.10
N GLN A 23 -9.60 10.85 -1.70
CA GLN A 23 -8.27 10.42 -2.16
C GLN A 23 -7.44 9.87 -1.01
N SER A 24 -7.56 10.50 0.16
CA SER A 24 -6.83 10.06 1.34
C SER A 24 -7.10 8.59 1.61
N LYS A 25 -8.36 8.20 1.48
CA LYS A 25 -8.76 6.82 1.69
C LYS A 25 -8.15 5.95 0.60
N PHE A 26 -8.04 6.52 -0.60
CA PHE A 26 -7.46 5.81 -1.73
C PHE A 26 -5.98 5.60 -1.48
N GLU A 27 -5.34 6.60 -0.89
CA GLU A 27 -3.91 6.51 -0.57
C GLU A 27 -3.68 5.38 0.40
N GLU A 28 -4.57 5.28 1.39
CA GLU A 28 -4.49 4.23 2.41
C GLU A 28 -4.73 2.85 1.79
N HIS A 29 -5.75 2.78 0.94
CA HIS A 29 -6.09 1.53 0.25
C HIS A 29 -4.93 1.10 -0.65
N VAL A 30 -4.46 2.02 -1.46
CA VAL A 30 -3.34 1.74 -2.35
C VAL A 30 -2.13 1.29 -1.54
N GLU A 31 -1.92 1.95 -0.41
CA GLU A 31 -0.82 1.62 0.49
C GLU A 31 -1.07 0.29 1.19
N SER A 32 -2.34 -0.08 1.33
CA SER A 32 -2.71 -1.32 1.98
C SER A 32 -2.03 -2.50 1.28
N HIS A 33 -1.96 -2.42 -0.05
CA HIS A 33 -1.33 -3.47 -0.84
C HIS A 33 0.19 -3.44 -0.70
N TRP A 34 0.73 -2.27 -0.35
CA TRP A 34 2.16 -2.10 -0.18
C TRP A 34 2.68 -2.95 0.98
N LYS A 35 3.98 -3.24 0.96
CA LYS A 35 4.60 -4.02 2.02
C LYS A 35 4.95 -3.10 3.19
N VAL A 36 4.29 -3.29 4.33
CA VAL A 36 4.55 -2.44 5.47
C VAL A 36 5.02 -3.24 6.69
N CYS A 37 6.07 -2.73 7.33
CA CYS A 37 6.62 -3.37 8.51
C CYS A 37 5.73 -3.09 9.72
N PRO A 38 5.38 -4.14 10.50
CA PRO A 38 4.52 -3.99 11.66
C PRO A 38 5.28 -3.67 12.95
N MET A 39 6.60 -3.71 12.89
CA MET A 39 7.43 -3.43 14.06
C MET A 39 7.71 -1.93 14.20
N CYS A 40 7.70 -1.22 13.08
CA CYS A 40 7.95 0.22 13.09
C CYS A 40 6.88 0.99 12.31
N SER A 41 6.27 0.33 11.32
CA SER A 41 5.23 0.94 10.49
C SER A 41 5.81 1.66 9.28
N GLU A 42 6.77 1.03 8.62
CA GLU A 42 7.38 1.61 7.42
C GLU A 42 6.65 1.12 6.18
N GLN A 43 6.60 1.95 5.14
CA GLN A 43 5.93 1.55 3.92
C GLN A 43 6.94 1.24 2.82
N PHE A 44 6.74 0.10 2.19
CA PHE A 44 7.61 -0.36 1.10
C PHE A 44 6.80 -0.51 -0.19
N PRO A 45 7.14 0.25 -1.24
CA PRO A 45 6.44 0.18 -2.53
C PRO A 45 6.51 -1.23 -3.12
N PRO A 46 5.50 -1.60 -3.93
CA PRO A 46 5.45 -2.93 -4.56
C PRO A 46 6.71 -3.25 -5.35
N ASP A 47 7.44 -2.21 -5.75
CA ASP A 47 8.67 -2.39 -6.51
C ASP A 47 9.84 -2.72 -5.58
N TYR A 48 9.64 -2.54 -4.28
CA TYR A 48 10.69 -2.81 -3.30
C TYR A 48 10.99 -4.30 -3.24
N ASP A 49 12.27 -4.64 -3.11
CA ASP A 49 12.69 -6.04 -3.04
C ASP A 49 12.23 -6.67 -1.72
N GLN A 50 11.49 -7.76 -1.83
CA GLN A 50 10.98 -8.45 -0.65
C GLN A 50 12.12 -8.84 0.29
N GLN A 51 13.27 -9.18 -0.30
CA GLN A 51 14.42 -9.57 0.49
C GLN A 51 14.86 -8.43 1.40
N VAL A 52 14.92 -7.23 0.83
CA VAL A 52 15.31 -6.06 1.59
C VAL A 52 14.27 -5.75 2.67
N PHE A 53 13.00 -5.88 2.30
CA PHE A 53 11.91 -5.62 3.24
C PHE A 53 11.98 -6.61 4.39
N GLU A 54 12.03 -7.90 4.07
CA GLU A 54 12.10 -8.94 5.09
C GLU A 54 13.29 -8.69 6.00
N ARG A 55 14.38 -8.19 5.43
CA ARG A 55 15.58 -7.90 6.20
C ARG A 55 15.28 -6.78 7.20
N HIS A 56 14.55 -5.77 6.74
CA HIS A 56 14.18 -4.64 7.58
C HIS A 56 13.22 -5.07 8.68
N VAL A 57 12.18 -5.82 8.29
CA VAL A 57 11.20 -6.28 9.26
C VAL A 57 11.87 -7.23 10.25
N GLN A 58 12.59 -8.21 9.72
CA GLN A 58 13.31 -9.19 10.55
C GLN A 58 14.27 -8.48 11.48
N THR A 59 14.81 -7.34 11.02
CA THR A 59 15.75 -6.56 11.81
C THR A 59 15.10 -6.12 13.12
N HIS A 60 13.77 -6.03 13.11
CA HIS A 60 13.03 -5.61 14.30
C HIS A 60 12.83 -6.78 15.27
N PHE A 61 13.12 -7.99 14.82
CA PHE A 61 12.97 -9.17 15.68
C PHE A 61 14.29 -9.49 16.38
N ASP A 62 15.39 -9.11 15.75
CA ASP A 62 16.71 -9.34 16.32
C ASP A 62 17.14 -8.17 17.21
N GLN A 63 16.32 -7.12 17.26
CA GLN A 63 16.62 -5.95 18.07
C GLN A 63 17.93 -5.29 17.63
N ASN A 64 17.80 -4.24 16.82
CA ASN A 64 18.97 -3.54 16.31
C ASN A 64 19.45 -2.49 17.32
ZN ZN B . -6.05 -1.33 -4.49
ZN ZN C . 10.29 -1.95 10.41
N SER A 2 -17.60 5.65 -23.13
CA SER A 2 -16.60 6.11 -22.13
C SER A 2 -15.74 7.23 -22.67
N SER A 3 -16.24 8.46 -22.59
CA SER A 3 -15.50 9.61 -23.08
C SER A 3 -14.70 10.27 -21.96
N PHE A 4 -15.24 10.21 -20.74
CA PHE A 4 -14.58 10.79 -19.59
C PHE A 4 -15.12 10.20 -18.29
N ASP A 5 -14.33 9.34 -17.66
CA ASP A 5 -14.72 8.69 -16.42
C ASP A 5 -14.02 9.33 -15.23
N VAL A 6 -14.61 9.19 -14.05
CA VAL A 6 -14.04 9.75 -12.83
C VAL A 6 -13.95 8.70 -11.73
N HIS A 7 -13.67 7.46 -12.12
CA HIS A 7 -13.55 6.37 -11.16
C HIS A 7 -12.09 6.09 -10.83
N LYS A 8 -11.76 6.18 -9.55
CA LYS A 8 -10.40 5.93 -9.09
C LYS A 8 -10.11 4.43 -9.04
N LYS A 9 -9.00 4.04 -9.66
CA LYS A 9 -8.61 2.63 -9.69
C LYS A 9 -7.25 2.43 -9.04
N CYS A 10 -7.19 1.58 -8.02
CA CYS A 10 -5.95 1.30 -7.31
C CYS A 10 -5.04 0.42 -8.17
N PRO A 11 -3.72 0.71 -8.17
CA PRO A 11 -2.75 -0.05 -8.96
C PRO A 11 -2.26 -1.32 -8.27
N LEU A 12 -3.06 -1.85 -7.35
CA LEU A 12 -2.70 -3.05 -6.61
C LEU A 12 -3.85 -4.07 -6.58
N CYS A 13 -4.99 -3.69 -7.15
CA CYS A 13 -6.15 -4.57 -7.18
C CYS A 13 -7.03 -4.27 -8.38
N GLU A 14 -8.22 -4.86 -8.40
CA GLU A 14 -9.16 -4.66 -9.51
C GLU A 14 -10.49 -4.12 -8.99
N LEU A 15 -10.42 -3.14 -8.08
CA LEU A 15 -11.62 -2.54 -7.52
C LEU A 15 -11.83 -1.13 -8.06
N MET A 16 -13.10 -0.75 -8.23
CA MET A 16 -13.43 0.57 -8.74
C MET A 16 -14.02 1.43 -7.63
N PHE A 17 -13.52 2.66 -7.51
CA PHE A 17 -14.00 3.58 -6.48
C PHE A 17 -14.80 4.73 -7.11
N PRO A 18 -15.93 5.10 -6.48
CA PRO A 18 -16.78 6.19 -6.98
C PRO A 18 -16.07 7.54 -6.99
N PRO A 19 -16.53 8.48 -7.83
CA PRO A 19 -15.93 9.81 -7.94
C PRO A 19 -15.98 10.57 -6.61
N ASN A 20 -16.92 10.20 -5.76
CA ASN A 20 -17.07 10.84 -4.46
C ASN A 20 -16.25 10.13 -3.39
N TYR A 21 -15.35 9.25 -3.82
CA TYR A 21 -14.51 8.51 -2.89
C TYR A 21 -13.40 9.39 -2.32
N ASP A 22 -13.23 9.34 -1.00
CA ASP A 22 -12.20 10.14 -0.34
C ASP A 22 -10.81 9.67 -0.72
N GLN A 23 -9.98 10.60 -1.19
CA GLN A 23 -8.62 10.27 -1.60
C GLN A 23 -7.84 9.66 -0.43
N SER A 24 -8.02 10.22 0.76
CA SER A 24 -7.34 9.72 1.94
C SER A 24 -7.61 8.22 2.12
N LYS A 25 -8.87 7.83 1.90
CA LYS A 25 -9.25 6.44 2.02
C LYS A 25 -8.57 5.63 0.92
N PHE A 26 -8.41 6.27 -0.24
CA PHE A 26 -7.77 5.63 -1.37
C PHE A 26 -6.29 5.42 -1.08
N GLU A 27 -5.67 6.41 -0.44
CA GLU A 27 -4.27 6.32 -0.08
C GLU A 27 -4.05 5.15 0.88
N GLU A 28 -4.98 4.99 1.81
CA GLU A 28 -4.92 3.92 2.79
C GLU A 28 -5.15 2.57 2.12
N HIS A 29 -6.10 2.52 1.19
CA HIS A 29 -6.42 1.30 0.48
C HIS A 29 -5.25 0.89 -0.41
N VAL A 30 -4.74 1.85 -1.16
CA VAL A 30 -3.59 1.62 -2.03
C VAL A 30 -2.39 1.15 -1.21
N GLU A 31 -2.12 1.87 -0.11
CA GLU A 31 -1.01 1.53 0.76
C GLU A 31 -1.25 0.18 1.45
N SER A 32 -2.52 -0.17 1.61
CA SER A 32 -2.88 -1.43 2.25
C SER A 32 -2.24 -2.60 1.50
N HIS A 33 -2.23 -2.49 0.17
CA HIS A 33 -1.64 -3.53 -0.67
C HIS A 33 -0.11 -3.52 -0.57
N TRP A 34 0.45 -2.37 -0.21
CA TRP A 34 1.89 -2.22 -0.08
C TRP A 34 2.43 -3.04 1.09
N LYS A 35 3.72 -3.34 1.04
CA LYS A 35 4.36 -4.10 2.11
C LYS A 35 4.79 -3.16 3.23
N VAL A 36 4.20 -3.31 4.40
CA VAL A 36 4.54 -2.43 5.52
C VAL A 36 5.05 -3.18 6.73
N CYS A 37 6.13 -2.67 7.30
CA CYS A 37 6.73 -3.27 8.49
C CYS A 37 5.89 -2.91 9.73
N PRO A 38 5.55 -3.92 10.56
CA PRO A 38 4.73 -3.70 11.76
C PRO A 38 5.54 -3.30 12.98
N MET A 39 6.86 -3.36 12.88
CA MET A 39 7.73 -3.01 14.00
C MET A 39 8.03 -1.51 14.03
N CYS A 40 7.99 -0.87 12.86
CA CYS A 40 8.27 0.56 12.76
C CYS A 40 7.19 1.30 11.98
N SER A 41 6.45 0.55 11.14
CA SER A 41 5.37 1.13 10.33
C SER A 41 5.91 1.75 9.04
N GLU A 42 6.94 1.14 8.48
CA GLU A 42 7.53 1.63 7.23
C GLU A 42 6.73 1.12 6.05
N GLN A 43 6.65 1.93 5.00
CA GLN A 43 5.90 1.52 3.81
C GLN A 43 6.85 1.15 2.68
N PHE A 44 6.60 0.00 2.09
CA PHE A 44 7.40 -0.49 0.96
C PHE A 44 6.54 -0.67 -0.27
N PRO A 45 6.86 0.01 -1.39
CA PRO A 45 6.10 -0.10 -2.63
C PRO A 45 6.05 -1.54 -3.14
N PRO A 46 5.05 -1.87 -3.98
CA PRO A 46 4.90 -3.22 -4.53
C PRO A 46 6.09 -3.63 -5.39
N ASP A 47 6.81 -2.64 -5.93
CA ASP A 47 7.97 -2.90 -6.76
C ASP A 47 9.20 -3.16 -5.91
N TYR A 48 9.11 -2.89 -4.62
CA TYR A 48 10.22 -3.09 -3.70
C TYR A 48 10.58 -4.57 -3.62
N ASP A 49 11.86 -4.85 -3.39
CA ASP A 49 12.33 -6.23 -3.28
C ASP A 49 11.98 -6.81 -1.92
N GLN A 50 11.28 -7.95 -1.92
CA GLN A 50 10.87 -8.60 -0.68
C GLN A 50 12.10 -8.90 0.19
N GLN A 51 13.22 -9.18 -0.45
CA GLN A 51 14.45 -9.48 0.28
C GLN A 51 14.85 -8.30 1.16
N VAL A 52 14.78 -7.09 0.59
CA VAL A 52 15.13 -5.88 1.33
C VAL A 52 14.11 -5.63 2.44
N PHE A 53 12.85 -5.86 2.13
CA PHE A 53 11.78 -5.66 3.12
C PHE A 53 11.91 -6.66 4.26
N GLU A 54 12.04 -7.94 3.91
CA GLU A 54 12.16 -8.99 4.92
C GLU A 54 13.33 -8.70 5.85
N ARG A 55 14.46 -8.31 5.27
CA ARG A 55 15.63 -8.00 6.07
C ARG A 55 15.34 -6.82 7.00
N HIS A 56 14.61 -5.83 6.47
CA HIS A 56 14.26 -4.65 7.25
C HIS A 56 13.35 -5.03 8.42
N VAL A 57 12.32 -5.81 8.14
CA VAL A 57 11.40 -6.25 9.19
C VAL A 57 12.12 -7.16 10.17
N GLN A 58 13.09 -7.91 9.66
CA GLN A 58 13.85 -8.84 10.48
C GLN A 58 14.75 -8.07 11.45
N THR A 59 15.22 -6.90 11.01
CA THR A 59 16.09 -6.07 11.85
C THR A 59 15.37 -5.68 13.13
N HIS A 60 14.04 -5.65 13.08
CA HIS A 60 13.24 -5.30 14.24
C HIS A 60 13.01 -6.51 15.14
N PHE A 61 12.97 -7.70 14.55
CA PHE A 61 12.76 -8.93 15.29
C PHE A 61 13.99 -9.29 16.13
N ASP A 62 15.15 -8.80 15.69
CA ASP A 62 16.40 -9.06 16.40
C ASP A 62 16.75 -7.94 17.36
N GLN A 63 15.73 -7.19 17.79
CA GLN A 63 15.94 -6.07 18.70
C GLN A 63 15.46 -6.43 20.10
N ASN A 64 14.29 -7.07 20.18
CA ASN A 64 13.71 -7.47 21.46
C ASN A 64 13.11 -8.86 21.37
ZN ZN B . -6.19 -1.53 -4.29
ZN ZN C . 10.49 -1.82 10.17
N SER A 2 -23.12 6.94 -17.51
CA SER A 2 -23.32 6.23 -18.80
C SER A 2 -22.10 6.40 -19.72
N SER A 3 -21.68 7.66 -19.88
CA SER A 3 -20.53 7.95 -20.73
C SER A 3 -19.55 8.87 -20.00
N PHE A 4 -18.27 8.69 -20.27
CA PHE A 4 -17.23 9.51 -19.65
C PHE A 4 -17.27 9.36 -18.13
N ASP A 5 -16.54 8.38 -17.61
CA ASP A 5 -16.50 8.13 -16.18
C ASP A 5 -15.10 8.40 -15.62
N VAL A 6 -15.04 8.92 -14.40
CA VAL A 6 -13.77 9.21 -13.76
C VAL A 6 -13.60 8.38 -12.48
N HIS A 7 -13.68 7.07 -12.61
CA HIS A 7 -13.55 6.17 -11.47
C HIS A 7 -12.08 5.97 -11.10
N LYS A 8 -11.79 5.97 -9.80
CA LYS A 8 -10.43 5.78 -9.32
C LYS A 8 -10.10 4.31 -9.21
N LYS A 9 -8.97 3.91 -9.77
CA LYS A 9 -8.54 2.51 -9.75
C LYS A 9 -7.20 2.37 -9.02
N CYS A 10 -7.18 1.52 -7.99
CA CYS A 10 -5.97 1.29 -7.23
C CYS A 10 -4.99 0.43 -8.03
N PRO A 11 -3.70 0.84 -8.10
CA PRO A 11 -2.69 0.11 -8.86
C PRO A 11 -2.15 -1.12 -8.11
N LEU A 12 -3.06 -1.88 -7.50
CA LEU A 12 -2.68 -3.08 -6.75
C LEU A 12 -3.76 -4.16 -6.89
N CYS A 13 -5.01 -3.76 -6.67
CA CYS A 13 -6.14 -4.67 -6.76
C CYS A 13 -6.94 -4.41 -8.03
N GLU A 14 -8.13 -4.99 -8.10
CA GLU A 14 -9.00 -4.82 -9.27
C GLU A 14 -10.36 -4.26 -8.85
N LEU A 15 -10.34 -3.25 -7.99
CA LEU A 15 -11.58 -2.63 -7.52
C LEU A 15 -11.75 -1.24 -8.12
N MET A 16 -12.99 -0.74 -8.09
CA MET A 16 -13.30 0.57 -8.64
C MET A 16 -13.93 1.46 -7.57
N PHE A 17 -13.50 2.71 -7.50
CA PHE A 17 -14.03 3.65 -6.52
C PHE A 17 -14.76 4.80 -7.19
N PRO A 18 -15.82 5.32 -6.56
CA PRO A 18 -16.61 6.43 -7.10
C PRO A 18 -15.84 7.75 -7.12
N PRO A 19 -16.23 8.69 -8.00
CA PRO A 19 -15.58 9.99 -8.11
C PRO A 19 -15.61 10.77 -6.79
N ASN A 20 -16.60 10.46 -5.96
CA ASN A 20 -16.76 11.14 -4.67
C ASN A 20 -15.99 10.40 -3.57
N TYR A 21 -15.12 9.47 -3.96
CA TYR A 21 -14.34 8.71 -3.00
C TYR A 21 -13.23 9.56 -2.40
N ASP A 22 -13.06 9.48 -1.09
CA ASP A 22 -12.03 10.24 -0.39
C ASP A 22 -10.64 9.74 -0.77
N GLN A 23 -9.82 10.65 -1.30
CA GLN A 23 -8.47 10.31 -1.71
C GLN A 23 -7.68 9.73 -0.54
N SER A 24 -7.82 10.34 0.64
CA SER A 24 -7.12 9.88 1.83
C SER A 24 -7.44 8.41 2.07
N LYS A 25 -8.71 8.06 1.95
CA LYS A 25 -9.15 6.68 2.13
C LYS A 25 -8.55 5.81 1.04
N PHE A 26 -8.43 6.40 -0.15
CA PHE A 26 -7.86 5.69 -1.29
C PHE A 26 -6.39 5.39 -1.04
N GLU A 27 -5.70 6.36 -0.43
CA GLU A 27 -4.30 6.20 -0.11
C GLU A 27 -4.13 5.04 0.87
N GLU A 28 -5.01 4.99 1.85
CA GLU A 28 -4.98 3.93 2.86
C GLU A 28 -5.25 2.58 2.21
N HIS A 29 -6.20 2.55 1.28
CA HIS A 29 -6.56 1.32 0.58
C HIS A 29 -5.39 0.87 -0.30
N VAL A 30 -4.85 1.82 -1.06
CA VAL A 30 -3.72 1.54 -1.92
C VAL A 30 -2.53 1.08 -1.11
N GLU A 31 -2.31 1.74 0.04
CA GLU A 31 -1.21 1.39 0.93
C GLU A 31 -1.49 0.07 1.63
N SER A 32 -2.76 -0.27 1.78
CA SER A 32 -3.14 -1.52 2.43
C SER A 32 -2.50 -2.71 1.72
N HIS A 33 -2.45 -2.63 0.39
CA HIS A 33 -1.86 -3.69 -0.41
C HIS A 33 -0.33 -3.67 -0.32
N TRP A 34 0.22 -2.50 -0.01
CA TRP A 34 1.67 -2.34 0.09
C TRP A 34 2.24 -3.17 1.23
N LYS A 35 3.54 -3.42 1.19
CA LYS A 35 4.22 -4.18 2.23
C LYS A 35 4.63 -3.25 3.36
N VAL A 36 4.06 -3.44 4.54
CA VAL A 36 4.38 -2.57 5.67
C VAL A 36 4.95 -3.35 6.85
N CYS A 37 6.00 -2.81 7.42
CA CYS A 37 6.66 -3.41 8.58
C CYS A 37 5.85 -3.11 9.85
N PRO A 38 5.56 -4.14 10.66
CA PRO A 38 4.78 -3.98 11.89
C PRO A 38 5.63 -3.59 13.11
N MET A 39 6.94 -3.59 12.95
CA MET A 39 7.84 -3.24 14.04
C MET A 39 8.07 -1.74 14.12
N CYS A 40 7.95 -1.06 12.99
CA CYS A 40 8.15 0.39 12.95
C CYS A 40 7.02 1.10 12.21
N SER A 41 6.31 0.36 11.34
CA SER A 41 5.20 0.91 10.57
C SER A 41 5.69 1.58 9.29
N GLU A 42 6.73 0.99 8.68
CA GLU A 42 7.28 1.52 7.44
C GLU A 42 6.49 1.01 6.24
N GLN A 43 6.36 1.83 5.21
CA GLN A 43 5.62 1.42 4.03
C GLN A 43 6.56 1.11 2.87
N PHE A 44 6.35 -0.04 2.26
CA PHE A 44 7.16 -0.48 1.13
C PHE A 44 6.30 -0.66 -0.12
N PRO A 45 6.61 0.05 -1.21
CA PRO A 45 5.85 -0.05 -2.47
C PRO A 45 5.83 -1.48 -3.00
N PRO A 46 4.84 -1.81 -3.83
CA PRO A 46 4.71 -3.15 -4.42
C PRO A 46 5.89 -3.51 -5.32
N ASP A 47 6.55 -2.48 -5.84
CA ASP A 47 7.71 -2.68 -6.72
C ASP A 47 8.98 -2.93 -5.90
N TYR A 48 8.90 -2.69 -4.60
CA TYR A 48 10.05 -2.89 -3.71
C TYR A 48 10.47 -4.36 -3.69
N ASP A 49 11.71 -4.60 -3.31
CA ASP A 49 12.23 -5.96 -3.24
C ASP A 49 11.89 -6.61 -1.91
N GLN A 50 11.21 -7.74 -1.96
CA GLN A 50 10.81 -8.46 -0.75
C GLN A 50 12.02 -8.78 0.12
N GLN A 51 13.15 -9.05 -0.53
CA GLN A 51 14.39 -9.36 0.19
C GLN A 51 14.80 -8.20 1.08
N VAL A 52 14.75 -6.99 0.52
CA VAL A 52 15.10 -5.79 1.26
C VAL A 52 14.12 -5.55 2.39
N PHE A 53 12.83 -5.76 2.11
CA PHE A 53 11.79 -5.57 3.10
C PHE A 53 11.97 -6.57 4.25
N GLU A 54 12.10 -7.84 3.90
CA GLU A 54 12.28 -8.88 4.91
C GLU A 54 13.48 -8.57 5.79
N ARG A 55 14.53 -8.04 5.16
CA ARG A 55 15.74 -7.67 5.88
C ARG A 55 15.45 -6.57 6.88
N HIS A 56 14.63 -5.61 6.45
CA HIS A 56 14.25 -4.48 7.29
C HIS A 56 13.37 -4.94 8.45
N VAL A 57 12.35 -5.74 8.13
CA VAL A 57 11.46 -6.24 9.17
C VAL A 57 12.22 -7.16 10.11
N GLN A 58 13.09 -7.99 9.55
CA GLN A 58 13.90 -8.89 10.33
C GLN A 58 14.85 -8.10 11.22
N THR A 59 15.25 -6.93 10.73
CA THR A 59 16.15 -6.06 11.46
C THR A 59 15.53 -5.65 12.80
N HIS A 60 14.21 -5.68 12.86
CA HIS A 60 13.49 -5.35 14.08
C HIS A 60 13.36 -6.55 14.99
N PHE A 61 13.31 -7.75 14.39
CA PHE A 61 13.19 -8.99 15.14
C PHE A 61 14.49 -9.29 15.88
N ASP A 62 15.61 -8.82 15.35
CA ASP A 62 16.91 -9.04 15.97
C ASP A 62 17.22 -7.96 17.00
N GLN A 63 16.57 -6.81 16.86
CA GLN A 63 16.78 -5.69 17.78
C GLN A 63 15.59 -5.53 18.71
N ASN A 64 15.76 -5.93 19.97
CA ASN A 64 14.70 -5.82 20.96
C ASN A 64 13.47 -6.62 20.53
ZN ZN B . -6.37 -1.52 -4.09
ZN ZN C . 10.37 -1.85 10.28
N SER A 2 -20.37 12.56 -19.93
CA SER A 2 -19.34 12.99 -20.91
C SER A 2 -17.97 13.12 -20.25
N SER A 3 -17.68 12.22 -19.31
CA SER A 3 -16.41 12.24 -18.61
C SER A 3 -15.62 10.97 -18.88
N PHE A 4 -14.35 11.14 -19.25
CA PHE A 4 -13.49 10.00 -19.55
C PHE A 4 -12.81 9.49 -18.29
N ASP A 5 -13.20 8.29 -17.87
CA ASP A 5 -12.63 7.68 -16.66
C ASP A 5 -12.88 8.55 -15.44
N VAL A 6 -13.92 8.22 -14.69
CA VAL A 6 -14.27 8.98 -13.49
C VAL A 6 -14.02 8.15 -12.23
N HIS A 7 -14.16 6.84 -12.36
CA HIS A 7 -13.95 5.94 -11.23
C HIS A 7 -12.47 5.78 -10.91
N LYS A 8 -12.15 5.70 -9.63
CA LYS A 8 -10.77 5.55 -9.18
C LYS A 8 -10.40 4.07 -9.04
N LYS A 9 -9.41 3.63 -9.81
CA LYS A 9 -8.98 2.24 -9.77
C LYS A 9 -7.58 2.13 -9.15
N CYS A 10 -7.48 1.36 -8.09
CA CYS A 10 -6.20 1.16 -7.40
C CYS A 10 -5.28 0.25 -8.23
N PRO A 11 -3.98 0.58 -8.30
CA PRO A 11 -3.01 -0.20 -9.06
C PRO A 11 -2.49 -1.42 -8.31
N LEU A 12 -3.28 -1.94 -7.38
CA LEU A 12 -2.87 -3.10 -6.59
C LEU A 12 -4.01 -4.12 -6.46
N CYS A 13 -5.18 -3.78 -6.98
CA CYS A 13 -6.33 -4.68 -6.91
C CYS A 13 -7.28 -4.43 -8.08
N GLU A 14 -8.47 -5.02 -7.99
CA GLU A 14 -9.48 -4.86 -9.04
C GLU A 14 -10.75 -4.25 -8.48
N LEU A 15 -10.58 -3.31 -7.55
CA LEU A 15 -11.72 -2.64 -6.92
C LEU A 15 -11.95 -1.26 -7.54
N MET A 16 -13.22 -0.92 -7.75
CA MET A 16 -13.58 0.38 -8.33
C MET A 16 -14.15 1.30 -7.26
N PHE A 17 -13.67 2.54 -7.22
CA PHE A 17 -14.13 3.51 -6.24
C PHE A 17 -14.94 4.62 -6.92
N PRO A 18 -15.99 5.13 -6.24
CA PRO A 18 -16.84 6.18 -6.78
C PRO A 18 -16.12 7.52 -6.90
N PRO A 19 -16.58 8.40 -7.81
CA PRO A 19 -15.96 9.71 -8.03
C PRO A 19 -15.93 10.55 -6.75
N ASN A 20 -16.86 10.26 -5.83
CA ASN A 20 -16.93 11.00 -4.57
C ASN A 20 -16.09 10.33 -3.49
N TYR A 21 -15.22 9.39 -3.90
CA TYR A 21 -14.37 8.69 -2.96
C TYR A 21 -13.23 9.58 -2.48
N ASP A 22 -13.01 9.61 -1.18
CA ASP A 22 -11.95 10.42 -0.59
C ASP A 22 -10.58 9.90 -1.00
N GLN A 23 -9.75 10.78 -1.54
CA GLN A 23 -8.41 10.40 -1.98
C GLN A 23 -7.60 9.84 -0.81
N SER A 24 -7.73 10.47 0.34
CA SER A 24 -7.01 10.01 1.54
C SER A 24 -7.29 8.54 1.80
N LYS A 25 -8.55 8.16 1.68
CA LYS A 25 -8.95 6.78 1.88
C LYS A 25 -8.34 5.91 0.79
N PHE A 26 -8.24 6.47 -0.41
CA PHE A 26 -7.66 5.77 -1.54
C PHE A 26 -6.18 5.53 -1.30
N GLU A 27 -5.51 6.54 -0.74
CA GLU A 27 -4.09 6.44 -0.45
C GLU A 27 -3.85 5.32 0.56
N GLU A 28 -4.74 5.24 1.55
CA GLU A 28 -4.64 4.22 2.58
C GLU A 28 -4.92 2.84 1.99
N HIS A 29 -5.92 2.77 1.11
CA HIS A 29 -6.28 1.52 0.46
C HIS A 29 -5.14 1.04 -0.42
N VAL A 30 -4.63 1.95 -1.25
CA VAL A 30 -3.52 1.64 -2.13
C VAL A 30 -2.30 1.25 -1.31
N GLU A 31 -2.12 1.94 -0.18
CA GLU A 31 -0.99 1.66 0.71
C GLU A 31 -1.20 0.34 1.44
N SER A 32 -2.45 -0.04 1.64
CA SER A 32 -2.76 -1.30 2.32
C SER A 32 -2.12 -2.47 1.60
N HIS A 33 -2.13 -2.41 0.26
CA HIS A 33 -1.55 -3.46 -0.56
C HIS A 33 -0.03 -3.44 -0.48
N TRP A 34 0.54 -2.28 -0.16
CA TRP A 34 1.99 -2.14 -0.06
C TRP A 34 2.55 -2.98 1.07
N LYS A 35 3.86 -3.22 1.02
CA LYS A 35 4.53 -4.00 2.06
C LYS A 35 4.90 -3.09 3.22
N VAL A 36 4.30 -3.32 4.38
CA VAL A 36 4.58 -2.47 5.54
C VAL A 36 5.09 -3.27 6.73
N CYS A 37 6.14 -2.75 7.34
CA CYS A 37 6.73 -3.38 8.52
C CYS A 37 5.88 -3.08 9.76
N PRO A 38 5.53 -4.11 10.55
CA PRO A 38 4.69 -3.94 11.73
C PRO A 38 5.48 -3.61 13.00
N MET A 39 6.81 -3.68 12.91
CA MET A 39 7.66 -3.39 14.07
C MET A 39 7.97 -1.90 14.18
N CYS A 40 7.97 -1.20 13.05
CA CYS A 40 8.25 0.23 13.04
C CYS A 40 7.16 1.02 12.31
N SER A 41 6.44 0.36 11.41
CA SER A 41 5.36 0.99 10.64
C SER A 41 5.90 1.72 9.42
N GLU A 42 6.79 1.07 8.67
CA GLU A 42 7.37 1.66 7.47
C GLU A 42 6.63 1.15 6.25
N GLN A 43 6.52 1.98 5.22
CA GLN A 43 5.83 1.58 4.01
C GLN A 43 6.82 1.29 2.88
N PHE A 44 6.63 0.15 2.25
CA PHE A 44 7.48 -0.27 1.14
C PHE A 44 6.64 -0.43 -0.14
N PRO A 45 6.92 0.37 -1.18
CA PRO A 45 6.17 0.29 -2.45
C PRO A 45 6.26 -1.09 -3.09
N PRO A 46 5.25 -1.48 -3.88
CA PRO A 46 5.22 -2.78 -4.55
C PRO A 46 6.46 -3.03 -5.39
N ASP A 47 7.15 -1.96 -5.76
CA ASP A 47 8.36 -2.08 -6.56
C ASP A 47 9.57 -2.41 -5.68
N TYR A 48 9.39 -2.30 -4.36
CA TYR A 48 10.46 -2.61 -3.43
C TYR A 48 10.70 -4.11 -3.35
N ASP A 49 11.96 -4.50 -3.41
CA ASP A 49 12.32 -5.92 -3.35
C ASP A 49 11.96 -6.50 -1.98
N GLN A 50 11.19 -7.59 -1.99
CA GLN A 50 10.78 -8.23 -0.74
C GLN A 50 12.00 -8.61 0.10
N GLN A 51 13.13 -8.86 -0.57
CA GLN A 51 14.35 -9.22 0.13
C GLN A 51 14.78 -8.10 1.06
N VAL A 52 14.75 -6.86 0.56
CA VAL A 52 15.12 -5.70 1.35
C VAL A 52 14.10 -5.47 2.46
N PHE A 53 12.83 -5.67 2.15
CA PHE A 53 11.77 -5.49 3.14
C PHE A 53 11.86 -6.55 4.23
N GLU A 54 11.97 -7.81 3.81
CA GLU A 54 12.06 -8.92 4.74
C GLU A 54 13.22 -8.72 5.70
N ARG A 55 14.36 -8.32 5.16
CA ARG A 55 15.54 -8.08 5.98
C ARG A 55 15.27 -6.92 6.94
N HIS A 56 14.57 -5.90 6.45
CA HIS A 56 14.24 -4.74 7.27
C HIS A 56 13.35 -5.15 8.44
N VAL A 57 12.31 -5.92 8.14
CA VAL A 57 11.39 -6.37 9.17
C VAL A 57 12.10 -7.34 10.11
N GLN A 58 13.06 -8.08 9.56
CA GLN A 58 13.83 -9.04 10.33
C GLN A 58 14.70 -8.33 11.36
N THR A 59 15.20 -7.16 11.00
CA THR A 59 16.04 -6.38 11.89
C THR A 59 15.31 -6.04 13.18
N HIS A 60 13.99 -5.99 13.10
CA HIS A 60 13.17 -5.68 14.26
C HIS A 60 12.94 -6.93 15.11
N PHE A 61 12.93 -8.09 14.46
CA PHE A 61 12.71 -9.36 15.17
C PHE A 61 13.94 -9.73 15.99
N ASP A 62 15.11 -9.28 15.54
CA ASP A 62 16.36 -9.57 16.23
C ASP A 62 16.67 -8.52 17.29
N GLN A 63 16.08 -7.34 17.14
CA GLN A 63 16.30 -6.24 18.07
C GLN A 63 15.32 -6.34 19.24
N ASN A 64 15.78 -5.96 20.43
CA ASN A 64 14.94 -5.99 21.63
C ASN A 64 14.74 -4.59 22.19
ZN ZN B . -6.26 -1.52 -4.16
ZN ZN C . 10.48 -2.02 10.32
N SER A 2 -23.89 14.23 -15.48
CA SER A 2 -24.38 13.02 -14.78
C SER A 2 -24.23 11.78 -15.65
N SER A 3 -23.20 11.78 -16.50
CA SER A 3 -22.95 10.65 -17.39
C SER A 3 -21.56 10.06 -17.12
N PHE A 4 -20.57 10.94 -16.95
CA PHE A 4 -19.21 10.50 -16.68
C PHE A 4 -18.80 10.81 -15.25
N ASP A 5 -18.37 9.78 -14.53
CA ASP A 5 -17.95 9.94 -13.14
C ASP A 5 -16.48 9.56 -12.96
N VAL A 6 -15.68 10.53 -12.55
CA VAL A 6 -14.26 10.31 -12.33
C VAL A 6 -14.02 9.22 -11.28
N HIS A 7 -14.01 7.97 -11.73
CA HIS A 7 -13.80 6.84 -10.82
C HIS A 7 -12.31 6.65 -10.53
N LYS A 8 -12.01 6.17 -9.33
CA LYS A 8 -10.62 5.94 -8.93
C LYS A 8 -10.33 4.44 -8.87
N LYS A 9 -9.35 4.01 -9.66
CA LYS A 9 -8.97 2.60 -9.70
C LYS A 9 -7.56 2.41 -9.16
N CYS A 10 -7.44 1.55 -8.15
CA CYS A 10 -6.14 1.27 -7.54
C CYS A 10 -5.29 0.40 -8.46
N PRO A 11 -3.97 0.64 -8.50
CA PRO A 11 -3.05 -0.13 -9.35
C PRO A 11 -2.51 -1.37 -8.65
N LEU A 12 -3.27 -1.92 -7.72
CA LEU A 12 -2.86 -3.11 -6.99
C LEU A 12 -3.98 -4.13 -6.89
N CYS A 13 -5.16 -3.78 -7.42
CA CYS A 13 -6.31 -4.67 -7.37
C CYS A 13 -7.25 -4.40 -8.55
N GLU A 14 -8.45 -4.95 -8.48
CA GLU A 14 -9.43 -4.77 -9.55
C GLU A 14 -10.74 -4.20 -8.99
N LEU A 15 -10.62 -3.22 -8.09
CA LEU A 15 -11.79 -2.60 -7.48
C LEU A 15 -11.97 -1.17 -8.00
N MET A 16 -13.22 -0.73 -8.05
CA MET A 16 -13.54 0.62 -8.52
C MET A 16 -14.11 1.46 -7.38
N PHE A 17 -13.62 2.69 -7.26
CA PHE A 17 -14.08 3.59 -6.21
C PHE A 17 -14.91 4.74 -6.79
N PRO A 18 -16.00 5.13 -6.11
CA PRO A 18 -16.87 6.22 -6.56
C PRO A 18 -16.14 7.56 -6.62
N PRO A 19 -16.65 8.50 -7.44
CA PRO A 19 -16.04 9.83 -7.59
C PRO A 19 -16.02 10.60 -6.27
N ASN A 20 -16.92 10.23 -5.36
CA ASN A 20 -17.00 10.89 -4.06
C ASN A 20 -16.10 10.20 -3.02
N TYR A 21 -15.22 9.32 -3.50
CA TYR A 21 -14.32 8.59 -2.62
C TYR A 21 -13.15 9.47 -2.21
N ASP A 22 -12.90 9.54 -0.90
CA ASP A 22 -11.80 10.35 -0.37
C ASP A 22 -10.46 9.75 -0.77
N GLN A 23 -9.58 10.59 -1.32
CA GLN A 23 -8.26 10.15 -1.75
C GLN A 23 -7.48 9.56 -0.58
N SER A 24 -7.73 10.08 0.62
CA SER A 24 -7.05 9.59 1.82
C SER A 24 -7.33 8.10 2.01
N LYS A 25 -8.59 7.73 1.85
CA LYS A 25 -9.00 6.34 1.98
C LYS A 25 -8.36 5.53 0.86
N PHE A 26 -8.26 6.16 -0.31
CA PHE A 26 -7.66 5.52 -1.46
C PHE A 26 -6.19 5.25 -1.21
N GLU A 27 -5.52 6.22 -0.57
CA GLU A 27 -4.11 6.08 -0.24
C GLU A 27 -3.91 4.89 0.69
N GLU A 28 -4.79 4.77 1.68
CA GLU A 28 -4.73 3.68 2.64
C GLU A 28 -4.97 2.34 1.95
N HIS A 29 -5.92 2.32 1.03
CA HIS A 29 -6.25 1.10 0.29
C HIS A 29 -5.10 0.73 -0.64
N VAL A 30 -4.59 1.72 -1.36
CA VAL A 30 -3.47 1.50 -2.28
C VAL A 30 -2.26 1.00 -1.50
N GLU A 31 -1.99 1.62 -0.36
CA GLU A 31 -0.86 1.24 0.47
C GLU A 31 -1.12 -0.11 1.15
N SER A 32 -2.40 -0.41 1.38
CA SER A 32 -2.78 -1.66 2.01
C SER A 32 -2.23 -2.83 1.21
N HIS A 33 -2.05 -2.60 -0.10
CA HIS A 33 -1.51 -3.63 -0.99
C HIS A 33 0.02 -3.65 -0.91
N TRP A 34 0.60 -2.53 -0.52
CA TRP A 34 2.05 -2.42 -0.40
C TRP A 34 2.57 -3.22 0.79
N LYS A 35 3.86 -3.47 0.80
CA LYS A 35 4.49 -4.20 1.89
C LYS A 35 4.87 -3.24 3.01
N VAL A 36 4.21 -3.36 4.16
CA VAL A 36 4.49 -2.46 5.27
C VAL A 36 4.95 -3.21 6.51
N CYS A 37 6.01 -2.68 7.13
CA CYS A 37 6.57 -3.26 8.34
C CYS A 37 5.66 -2.95 9.53
N PRO A 38 5.31 -3.97 10.34
CA PRO A 38 4.44 -3.79 11.50
C PRO A 38 5.18 -3.37 12.77
N MET A 39 6.50 -3.40 12.72
CA MET A 39 7.29 -3.01 13.90
C MET A 39 7.56 -1.51 13.94
N CYS A 40 7.56 -0.87 12.77
CA CYS A 40 7.79 0.57 12.71
C CYS A 40 6.74 1.28 11.86
N SER A 41 6.08 0.53 10.96
CA SER A 41 5.04 1.08 10.08
C SER A 41 5.65 1.71 8.83
N GLU A 42 6.70 1.08 8.30
CA GLU A 42 7.36 1.56 7.08
C GLU A 42 6.62 1.04 5.86
N GLN A 43 6.58 1.85 4.80
CA GLN A 43 5.89 1.43 3.59
C GLN A 43 6.89 1.06 2.50
N PHE A 44 6.69 -0.10 1.89
CA PHE A 44 7.54 -0.59 0.81
C PHE A 44 6.73 -0.78 -0.47
N PRO A 45 7.07 -0.07 -1.55
CA PRO A 45 6.36 -0.20 -2.83
C PRO A 45 6.40 -1.63 -3.37
N PRO A 46 5.37 -2.03 -4.14
CA PRO A 46 5.29 -3.37 -4.72
C PRO A 46 6.55 -3.75 -5.50
N ASP A 47 7.27 -2.74 -5.98
CA ASP A 47 8.49 -2.97 -6.75
C ASP A 47 9.67 -3.23 -5.83
N TYR A 48 9.51 -2.97 -4.53
CA TYR A 48 10.57 -3.18 -3.56
C TYR A 48 10.92 -4.65 -3.45
N ASP A 49 12.21 -4.94 -3.32
CA ASP A 49 12.67 -6.33 -3.19
C ASP A 49 12.27 -6.91 -1.84
N GLN A 50 11.59 -8.05 -1.86
CA GLN A 50 11.15 -8.72 -0.65
C GLN A 50 12.33 -8.97 0.30
N GLN A 51 13.49 -9.25 -0.28
CA GLN A 51 14.69 -9.52 0.51
C GLN A 51 15.04 -8.31 1.37
N VAL A 52 15.00 -7.12 0.77
CA VAL A 52 15.30 -5.90 1.48
C VAL A 52 14.25 -5.63 2.55
N PHE A 53 12.98 -5.89 2.22
CA PHE A 53 11.89 -5.68 3.15
C PHE A 53 12.02 -6.63 4.35
N GLU A 54 12.19 -7.92 4.05
CA GLU A 54 12.32 -8.93 5.09
C GLU A 54 13.45 -8.57 6.04
N ARG A 55 14.56 -8.09 5.47
CA ARG A 55 15.71 -7.69 6.28
C ARG A 55 15.33 -6.55 7.21
N HIS A 56 14.63 -5.56 6.67
CA HIS A 56 14.19 -4.40 7.45
C HIS A 56 13.27 -4.83 8.59
N VAL A 57 12.28 -5.65 8.26
CA VAL A 57 11.33 -6.12 9.28
C VAL A 57 12.04 -7.01 10.29
N GLN A 58 13.06 -7.72 9.82
CA GLN A 58 13.84 -8.61 10.68
C GLN A 58 14.63 -7.81 11.70
N THR A 59 15.10 -6.64 11.29
CA THR A 59 15.88 -5.78 12.17
C THR A 59 15.07 -5.41 13.42
N HIS A 60 13.76 -5.43 13.29
CA HIS A 60 12.88 -5.08 14.41
C HIS A 60 12.67 -6.29 15.32
N PHE A 61 12.77 -7.49 14.75
CA PHE A 61 12.59 -8.71 15.52
C PHE A 61 13.83 -9.03 16.34
N ASP A 62 14.99 -8.55 15.88
CA ASP A 62 16.25 -8.79 16.59
C ASP A 62 16.60 -7.62 17.51
N GLN A 63 15.57 -6.87 17.93
CA GLN A 63 15.78 -5.73 18.81
C GLN A 63 15.94 -6.19 20.26
N ASN A 64 17.17 -6.52 20.63
CA ASN A 64 17.46 -6.98 22.00
C ASN A 64 16.69 -8.26 22.31
ZN ZN B . -6.21 -1.58 -4.53
ZN ZN C . 10.20 -1.70 10.22
N SER A 2 -15.03 6.65 -22.45
CA SER A 2 -14.74 7.58 -21.33
C SER A 2 -15.94 8.49 -21.06
N SER A 3 -15.81 9.35 -20.06
CA SER A 3 -16.87 10.27 -19.69
C SER A 3 -18.13 9.51 -19.28
N PHE A 4 -18.24 9.21 -17.99
CA PHE A 4 -19.39 8.49 -17.47
C PHE A 4 -19.52 8.68 -15.96
N ASP A 5 -18.53 8.20 -15.21
CA ASP A 5 -18.54 8.32 -13.76
C ASP A 5 -17.11 8.42 -13.22
N VAL A 6 -16.89 9.39 -12.34
CA VAL A 6 -15.58 9.59 -11.74
C VAL A 6 -15.27 8.52 -10.70
N HIS A 7 -14.83 7.36 -11.16
CA HIS A 7 -14.49 6.26 -10.27
C HIS A 7 -12.99 6.08 -10.15
N LYS A 8 -12.49 6.08 -8.91
CA LYS A 8 -11.07 5.92 -8.66
C LYS A 8 -10.68 4.44 -8.71
N LYS A 9 -9.84 4.09 -9.67
CA LYS A 9 -9.38 2.71 -9.81
C LYS A 9 -7.91 2.57 -9.41
N CYS A 10 -7.65 1.72 -8.43
CA CYS A 10 -6.30 1.49 -7.96
C CYS A 10 -5.51 0.66 -8.97
N PRO A 11 -4.36 1.18 -9.45
CA PRO A 11 -3.52 0.48 -10.42
C PRO A 11 -3.05 -0.89 -9.95
N LEU A 12 -2.89 -1.04 -8.64
CA LEU A 12 -2.43 -2.30 -8.05
C LEU A 12 -3.49 -3.40 -8.18
N CYS A 13 -4.76 -3.00 -8.27
CA CYS A 13 -5.84 -3.96 -8.38
C CYS A 13 -6.86 -3.50 -9.43
N GLU A 14 -8.03 -4.15 -9.44
CA GLU A 14 -9.09 -3.81 -10.38
C GLU A 14 -10.37 -3.44 -9.65
N LEU A 15 -10.23 -2.61 -8.61
CA LEU A 15 -11.39 -2.17 -7.83
C LEU A 15 -11.78 -0.75 -8.18
N MET A 16 -13.09 -0.48 -8.18
CA MET A 16 -13.59 0.86 -8.50
C MET A 16 -14.10 1.54 -7.24
N PHE A 17 -13.72 2.80 -7.06
CA PHE A 17 -14.14 3.58 -5.90
C PHE A 17 -15.06 4.73 -6.30
N PRO A 18 -16.10 5.00 -5.50
CA PRO A 18 -17.05 6.08 -5.77
C PRO A 18 -16.40 7.45 -5.86
N PRO A 19 -17.03 8.41 -6.57
CA PRO A 19 -16.50 9.76 -6.73
C PRO A 19 -16.35 10.47 -5.39
N ASN A 20 -17.15 10.07 -4.41
CA ASN A 20 -17.09 10.67 -3.07
C ASN A 20 -16.10 9.93 -2.19
N TYR A 21 -15.28 9.07 -2.80
CA TYR A 21 -14.28 8.31 -2.06
C TYR A 21 -13.11 9.19 -1.65
N ASP A 22 -12.78 9.16 -0.36
CA ASP A 22 -11.68 9.96 0.17
C ASP A 22 -10.34 9.47 -0.37
N GLN A 23 -9.49 10.40 -0.78
CA GLN A 23 -8.18 10.06 -1.31
C GLN A 23 -7.33 9.37 -0.25
N SER A 24 -7.38 9.88 0.97
CA SER A 24 -6.61 9.32 2.07
C SER A 24 -6.92 7.83 2.20
N LYS A 25 -8.21 7.49 2.10
CA LYS A 25 -8.64 6.11 2.17
C LYS A 25 -8.09 5.34 0.98
N PHE A 26 -8.00 6.03 -0.16
CA PHE A 26 -7.48 5.43 -1.37
C PHE A 26 -5.99 5.14 -1.20
N GLU A 27 -5.29 6.05 -0.53
CA GLU A 27 -3.88 5.89 -0.28
C GLU A 27 -3.65 4.65 0.58
N GLU A 28 -4.52 4.46 1.57
CA GLU A 28 -4.45 3.31 2.46
C GLU A 28 -4.69 2.02 1.68
N HIS A 29 -5.63 2.06 0.75
CA HIS A 29 -5.95 0.92 -0.07
C HIS A 29 -4.81 0.61 -1.02
N VAL A 30 -4.30 1.65 -1.68
CA VAL A 30 -3.19 1.51 -2.61
C VAL A 30 -1.96 0.98 -1.87
N GLU A 31 -1.69 1.56 -0.70
CA GLU A 31 -0.56 1.15 0.11
C GLU A 31 -0.81 -0.23 0.72
N SER A 32 -2.08 -0.57 0.93
CA SER A 32 -2.45 -1.86 1.48
C SER A 32 -1.86 -2.98 0.63
N HIS A 33 -1.68 -2.69 -0.65
CA HIS A 33 -1.10 -3.66 -1.58
C HIS A 33 0.42 -3.70 -1.42
N TRP A 34 0.97 -2.60 -0.93
CA TRP A 34 2.41 -2.47 -0.73
C TRP A 34 2.86 -3.24 0.52
N LYS A 35 4.16 -3.50 0.60
CA LYS A 35 4.72 -4.18 1.75
C LYS A 35 5.03 -3.17 2.83
N VAL A 36 4.35 -3.27 3.97
CA VAL A 36 4.57 -2.32 5.06
C VAL A 36 5.00 -3.00 6.35
N CYS A 37 6.03 -2.43 6.95
CA CYS A 37 6.56 -2.94 8.21
C CYS A 37 5.66 -2.50 9.36
N PRO A 38 5.22 -3.44 10.22
CA PRO A 38 4.33 -3.13 11.35
C PRO A 38 5.07 -2.66 12.60
N MET A 39 6.40 -2.76 12.59
CA MET A 39 7.19 -2.36 13.74
C MET A 39 7.54 -0.86 13.68
N CYS A 40 7.59 -0.31 12.48
CA CYS A 40 7.90 1.11 12.32
C CYS A 40 6.90 1.81 11.39
N SER A 41 6.18 1.03 10.59
CA SER A 41 5.19 1.57 9.66
C SER A 41 5.85 2.09 8.39
N GLU A 42 6.89 1.40 7.95
CA GLU A 42 7.60 1.78 6.73
C GLU A 42 6.87 1.24 5.50
N GLN A 43 6.88 2.00 4.42
CA GLN A 43 6.21 1.56 3.21
C GLN A 43 7.21 1.09 2.16
N PHE A 44 6.95 -0.08 1.61
CA PHE A 44 7.80 -0.66 0.58
C PHE A 44 7.02 -0.88 -0.71
N PRO A 45 7.37 -0.17 -1.80
CA PRO A 45 6.67 -0.33 -3.08
C PRO A 45 6.72 -1.76 -3.60
N PRO A 46 5.72 -2.16 -4.40
CA PRO A 46 5.64 -3.51 -4.95
C PRO A 46 6.92 -3.92 -5.68
N ASP A 47 7.71 -2.93 -6.10
CA ASP A 47 8.96 -3.19 -6.80
C ASP A 47 10.09 -3.52 -5.82
N TYR A 48 9.85 -3.28 -4.54
CA TYR A 48 10.85 -3.54 -3.52
C TYR A 48 11.13 -5.03 -3.41
N ASP A 49 12.33 -5.38 -2.96
CA ASP A 49 12.73 -6.78 -2.80
C ASP A 49 12.28 -7.31 -1.45
N GLN A 50 11.57 -8.43 -1.47
CA GLN A 50 11.08 -9.05 -0.24
C GLN A 50 12.23 -9.34 0.71
N GLN A 51 13.39 -9.67 0.16
CA GLN A 51 14.56 -9.96 0.97
C GLN A 51 14.95 -8.74 1.81
N VAL A 52 14.96 -7.58 1.15
CA VAL A 52 15.30 -6.33 1.84
C VAL A 52 14.22 -5.97 2.86
N PHE A 53 12.96 -6.20 2.49
CA PHE A 53 11.85 -5.91 3.38
C PHE A 53 11.87 -6.83 4.58
N GLU A 54 11.98 -8.13 4.33
CA GLU A 54 12.01 -9.12 5.40
C GLU A 54 13.11 -8.81 6.39
N ARG A 55 14.29 -8.48 5.89
CA ARG A 55 15.42 -8.14 6.74
C ARG A 55 15.09 -6.88 7.56
N HIS A 56 14.45 -5.92 6.91
CA HIS A 56 14.07 -4.67 7.56
C HIS A 56 13.11 -4.94 8.72
N VAL A 57 12.07 -5.74 8.45
CA VAL A 57 11.09 -6.06 9.47
C VAL A 57 11.73 -6.93 10.55
N GLN A 58 12.71 -7.74 10.14
CA GLN A 58 13.42 -8.62 11.06
C GLN A 58 14.23 -7.81 12.05
N THR A 59 14.77 -6.68 11.59
CA THR A 59 15.57 -5.82 12.44
C THR A 59 14.76 -5.33 13.64
N HIS A 60 13.45 -5.29 13.47
CA HIS A 60 12.56 -4.85 14.53
C HIS A 60 12.23 -6.00 15.49
N PHE A 61 12.22 -7.21 14.96
CA PHE A 61 11.92 -8.39 15.77
C PHE A 61 13.08 -8.70 16.72
N ASP A 62 14.29 -8.32 16.32
CA ASP A 62 15.47 -8.55 17.15
C ASP A 62 15.84 -7.32 17.96
N GLN A 63 14.85 -6.45 18.20
CA GLN A 63 15.08 -5.24 18.96
C GLN A 63 14.73 -5.44 20.44
N ASN A 64 13.45 -5.64 20.72
CA ASN A 64 12.99 -5.85 22.08
C ASN A 64 13.33 -4.65 22.96
ZN ZN B . -5.91 -1.45 -5.09
ZN ZN C . 10.28 -1.47 10.08
N SER A 2 -25.43 14.54 -18.65
CA SER A 2 -24.65 13.44 -19.28
C SER A 2 -24.82 12.14 -18.53
N SER A 3 -24.09 11.11 -18.95
CA SER A 3 -24.16 9.80 -18.30
C SER A 3 -22.76 9.27 -17.99
N PHE A 4 -21.84 10.18 -17.71
CA PHE A 4 -20.47 9.80 -17.40
C PHE A 4 -20.25 9.77 -15.89
N ASP A 5 -19.08 9.27 -15.48
CA ASP A 5 -18.76 9.18 -14.05
C ASP A 5 -17.34 8.65 -13.86
N VAL A 6 -16.41 9.55 -13.58
CA VAL A 6 -15.02 9.18 -13.37
C VAL A 6 -14.88 8.23 -12.18
N HIS A 7 -14.07 7.19 -12.34
CA HIS A 7 -13.85 6.22 -11.28
C HIS A 7 -12.37 6.02 -11.02
N LYS A 8 -11.99 6.00 -9.75
CA LYS A 8 -10.59 5.81 -9.37
C LYS A 8 -10.29 4.34 -9.11
N LYS A 9 -9.27 3.83 -9.79
CA LYS A 9 -8.88 2.43 -9.65
C LYS A 9 -7.48 2.34 -9.04
N CYS A 10 -7.34 1.50 -8.02
CA CYS A 10 -6.06 1.30 -7.36
C CYS A 10 -5.11 0.49 -8.25
N PRO A 11 -3.80 0.81 -8.22
CA PRO A 11 -2.80 0.11 -9.03
C PRO A 11 -2.22 -1.13 -8.33
N LEU A 12 -3.05 -1.80 -7.55
CA LEU A 12 -2.62 -3.00 -6.83
C LEU A 12 -3.68 -4.08 -6.91
N CYS A 13 -4.93 -3.70 -6.72
CA CYS A 13 -6.05 -4.63 -6.77
C CYS A 13 -6.89 -4.40 -8.01
N GLU A 14 -8.08 -4.99 -8.05
CA GLU A 14 -8.99 -4.85 -9.19
C GLU A 14 -10.34 -4.30 -8.73
N LEU A 15 -10.31 -3.31 -7.86
CA LEU A 15 -11.54 -2.71 -7.35
C LEU A 15 -11.73 -1.30 -7.92
N MET A 16 -12.99 -0.86 -7.98
CA MET A 16 -13.31 0.46 -8.49
C MET A 16 -13.96 1.31 -7.40
N PHE A 17 -13.55 2.58 -7.34
CA PHE A 17 -14.10 3.50 -6.33
C PHE A 17 -14.90 4.61 -6.98
N PRO A 18 -15.96 5.08 -6.30
CA PRO A 18 -16.82 6.16 -6.82
C PRO A 18 -16.08 7.49 -6.92
N PRO A 19 -16.56 8.40 -7.80
CA PRO A 19 -15.95 9.72 -7.98
C PRO A 19 -15.96 10.55 -6.70
N ASN A 20 -16.90 10.24 -5.81
CA ASN A 20 -17.01 10.95 -4.54
C ASN A 20 -16.19 10.27 -3.44
N TYR A 21 -15.32 9.35 -3.84
CA TYR A 21 -14.48 8.63 -2.88
C TYR A 21 -13.36 9.53 -2.37
N ASP A 22 -13.15 9.50 -1.05
CA ASP A 22 -12.11 10.30 -0.44
C ASP A 22 -10.73 9.81 -0.84
N GLN A 23 -9.92 10.72 -1.37
CA GLN A 23 -8.56 10.38 -1.80
C GLN A 23 -7.75 9.81 -0.65
N SER A 24 -7.89 10.43 0.53
CA SER A 24 -7.17 9.97 1.71
C SER A 24 -7.45 8.50 1.95
N LYS A 25 -8.71 8.12 1.80
CA LYS A 25 -9.11 6.73 1.98
C LYS A 25 -8.50 5.89 0.88
N PHE A 26 -8.40 6.47 -0.31
CA PHE A 26 -7.82 5.79 -1.45
C PHE A 26 -6.34 5.52 -1.20
N GLU A 27 -5.67 6.51 -0.60
CA GLU A 27 -4.26 6.38 -0.29
C GLU A 27 -4.05 5.22 0.68
N GLU A 28 -4.87 5.19 1.72
CA GLU A 28 -4.81 4.14 2.72
C GLU A 28 -5.05 2.77 2.08
N HIS A 29 -6.00 2.72 1.15
CA HIS A 29 -6.32 1.48 0.46
C HIS A 29 -5.16 1.05 -0.42
N VAL A 30 -4.65 1.99 -1.21
CA VAL A 30 -3.53 1.73 -2.09
C VAL A 30 -2.32 1.25 -1.29
N GLU A 31 -1.99 1.99 -0.24
CA GLU A 31 -0.87 1.65 0.62
C GLU A 31 -1.13 0.35 1.38
N SER A 32 -2.41 0.03 1.57
CA SER A 32 -2.79 -1.19 2.27
C SER A 32 -2.20 -2.41 1.59
N HIS A 33 -2.16 -2.37 0.26
CA HIS A 33 -1.62 -3.47 -0.53
C HIS A 33 -0.09 -3.50 -0.46
N TRP A 34 0.50 -2.35 -0.18
CA TRP A 34 1.96 -2.23 -0.08
C TRP A 34 2.49 -3.06 1.08
N LYS A 35 3.79 -3.34 1.04
CA LYS A 35 4.45 -4.09 2.10
C LYS A 35 4.85 -3.15 3.23
N VAL A 36 4.21 -3.30 4.39
CA VAL A 36 4.52 -2.44 5.52
C VAL A 36 5.02 -3.20 6.72
N CYS A 37 6.08 -2.68 7.34
CA CYS A 37 6.67 -3.28 8.52
C CYS A 37 5.85 -2.94 9.75
N PRO A 38 5.48 -3.96 10.57
CA PRO A 38 4.67 -3.75 11.77
C PRO A 38 5.50 -3.38 13.00
N MET A 39 6.82 -3.45 12.88
CA MET A 39 7.69 -3.12 14.01
C MET A 39 8.00 -1.63 14.06
N CYS A 40 7.95 -0.96 12.92
CA CYS A 40 8.23 0.48 12.85
C CYS A 40 7.15 1.23 12.07
N SER A 41 6.44 0.51 11.19
CA SER A 41 5.38 1.10 10.38
C SER A 41 5.94 1.72 9.09
N GLU A 42 6.97 1.10 8.55
CA GLU A 42 7.58 1.59 7.31
C GLU A 42 6.80 1.08 6.10
N GLN A 43 6.71 1.90 5.06
CA GLN A 43 5.99 1.50 3.87
C GLN A 43 6.94 1.14 2.73
N PHE A 44 6.69 -0.01 2.13
CA PHE A 44 7.50 -0.49 1.02
C PHE A 44 6.64 -0.67 -0.24
N PRO A 45 6.97 0.05 -1.33
CA PRO A 45 6.22 -0.06 -2.59
C PRO A 45 6.19 -1.49 -3.13
N PRO A 46 5.20 -1.83 -3.97
CA PRO A 46 5.07 -3.17 -4.54
C PRO A 46 6.26 -3.54 -5.42
N ASP A 47 6.93 -2.52 -5.96
CA ASP A 47 8.08 -2.75 -6.82
C ASP A 47 9.34 -2.99 -5.99
N TYR A 48 9.27 -2.72 -4.69
CA TYR A 48 10.40 -2.91 -3.80
C TYR A 48 10.82 -4.38 -3.76
N ASP A 49 12.03 -4.64 -3.27
CA ASP A 49 12.54 -5.99 -3.17
C ASP A 49 12.18 -6.63 -1.83
N GLN A 50 11.51 -7.78 -1.88
CA GLN A 50 11.10 -8.47 -0.67
C GLN A 50 12.29 -8.78 0.21
N GLN A 51 13.44 -9.03 -0.40
CA GLN A 51 14.67 -9.32 0.34
C GLN A 51 15.01 -8.17 1.27
N VAL A 52 14.95 -6.95 0.74
CA VAL A 52 15.24 -5.76 1.53
C VAL A 52 14.20 -5.55 2.62
N PHE A 53 12.95 -5.82 2.27
CA PHE A 53 11.85 -5.66 3.22
C PHE A 53 11.96 -6.69 4.34
N GLU A 54 12.10 -7.96 3.95
CA GLU A 54 12.21 -9.04 4.91
C GLU A 54 13.35 -8.78 5.90
N ARG A 55 14.49 -8.33 5.38
CA ARG A 55 15.64 -8.03 6.21
C ARG A 55 15.32 -6.88 7.15
N HIS A 56 14.59 -5.89 6.64
CA HIS A 56 14.20 -4.73 7.43
C HIS A 56 13.26 -5.13 8.56
N VAL A 57 12.24 -5.91 8.23
CA VAL A 57 11.28 -6.36 9.24
C VAL A 57 11.98 -7.30 10.21
N GLN A 58 12.83 -8.17 9.67
CA GLN A 58 13.58 -9.12 10.49
C GLN A 58 14.53 -8.36 11.40
N THR A 59 15.01 -7.22 10.92
CA THR A 59 15.91 -6.37 11.69
C THR A 59 15.26 -5.95 13.00
N HIS A 60 13.93 -5.91 12.99
CA HIS A 60 13.17 -5.53 14.17
C HIS A 60 12.93 -6.74 15.07
N PHE A 61 12.85 -7.91 14.46
CA PHE A 61 12.63 -9.15 15.20
C PHE A 61 13.85 -9.53 16.03
N ASP A 62 15.02 -9.11 15.56
CA ASP A 62 16.27 -9.41 16.26
C ASP A 62 16.77 -8.20 17.04
N GLN A 63 15.89 -7.21 17.23
CA GLN A 63 16.24 -6.00 17.98
C GLN A 63 17.49 -5.34 17.39
N ASN A 64 17.30 -4.29 16.61
CA ASN A 64 18.41 -3.58 15.99
C ASN A 64 18.24 -2.07 16.14
ZN ZN B . -6.17 -1.46 -4.20
ZN ZN C . 10.44 -1.86 10.23
N SER A 2 -14.05 -2.92 -22.59
CA SER A 2 -14.82 -1.74 -23.09
C SER A 2 -15.79 -1.23 -22.02
N SER A 3 -15.26 -0.90 -20.85
CA SER A 3 -16.09 -0.41 -19.75
C SER A 3 -15.32 0.64 -18.94
N PHE A 4 -14.55 1.46 -19.63
CA PHE A 4 -13.78 2.51 -18.96
C PHE A 4 -14.69 3.58 -18.38
N ASP A 5 -14.43 3.97 -17.14
CA ASP A 5 -15.23 4.98 -16.47
C ASP A 5 -14.33 5.92 -15.65
N VAL A 6 -14.97 6.85 -14.93
CA VAL A 6 -14.23 7.80 -14.11
C VAL A 6 -13.93 7.23 -12.73
N HIS A 7 -14.29 5.96 -12.51
CA HIS A 7 -14.05 5.31 -11.23
C HIS A 7 -12.56 5.18 -10.94
N LYS A 8 -12.16 5.51 -9.72
CA LYS A 8 -10.76 5.42 -9.33
C LYS A 8 -10.36 3.97 -9.08
N LYS A 9 -9.42 3.47 -9.88
CA LYS A 9 -8.95 2.10 -9.74
C LYS A 9 -7.54 2.07 -9.16
N CYS A 10 -7.38 1.37 -8.05
CA CYS A 10 -6.09 1.25 -7.39
C CYS A 10 -5.17 0.32 -8.18
N PRO A 11 -3.85 0.60 -8.20
CA PRO A 11 -2.88 -0.22 -8.93
C PRO A 11 -2.36 -1.40 -8.11
N LEU A 12 -3.17 -1.87 -7.17
CA LEU A 12 -2.79 -2.99 -6.31
C LEU A 12 -3.93 -4.00 -6.16
N CYS A 13 -5.08 -3.69 -6.76
CA CYS A 13 -6.24 -4.57 -6.68
C CYS A 13 -7.13 -4.41 -7.92
N GLU A 14 -8.32 -5.00 -7.86
CA GLU A 14 -9.26 -4.92 -8.97
C GLU A 14 -10.59 -4.34 -8.50
N LEU A 15 -10.53 -3.31 -7.66
CA LEU A 15 -11.74 -2.68 -7.15
C LEU A 15 -11.94 -1.31 -7.78
N MET A 16 -13.21 -0.89 -7.87
CA MET A 16 -13.54 0.41 -8.45
C MET A 16 -14.12 1.34 -7.39
N PHE A 17 -13.62 2.57 -7.35
CA PHE A 17 -14.08 3.55 -6.38
C PHE A 17 -14.94 4.63 -7.07
N PRO A 18 -15.97 5.13 -6.36
CA PRO A 18 -16.86 6.16 -6.89
C PRO A 18 -16.16 7.51 -7.11
N PRO A 19 -16.70 8.34 -8.01
CA PRO A 19 -16.12 9.66 -8.31
C PRO A 19 -16.05 10.55 -7.09
N ASN A 20 -16.96 10.31 -6.13
CA ASN A 20 -17.01 11.09 -4.90
C ASN A 20 -16.12 10.48 -3.81
N TYR A 21 -15.27 9.54 -4.21
CA TYR A 21 -14.37 8.88 -3.27
C TYR A 21 -13.23 9.80 -2.86
N ASP A 22 -13.03 9.94 -1.56
CA ASP A 22 -11.97 10.80 -1.04
C ASP A 22 -10.59 10.23 -1.37
N GLN A 23 -9.72 11.07 -1.91
CA GLN A 23 -8.37 10.65 -2.28
C GLN A 23 -7.62 10.13 -1.06
N SER A 24 -7.81 10.79 0.07
CA SER A 24 -7.14 10.39 1.31
C SER A 24 -7.42 8.93 1.61
N LYS A 25 -8.69 8.54 1.46
CA LYS A 25 -9.09 7.16 1.69
C LYS A 25 -8.43 6.26 0.67
N PHE A 26 -8.28 6.79 -0.55
CA PHE A 26 -7.66 6.04 -1.63
C PHE A 26 -6.19 5.82 -1.32
N GLU A 27 -5.54 6.84 -0.76
CA GLU A 27 -4.14 6.74 -0.41
C GLU A 27 -3.95 5.66 0.65
N GLU A 28 -4.88 5.60 1.59
CA GLU A 28 -4.85 4.60 2.65
C GLU A 28 -5.08 3.21 2.09
N HIS A 29 -6.03 3.11 1.16
CA HIS A 29 -6.36 1.84 0.53
C HIS A 29 -5.17 1.35 -0.28
N VAL A 30 -4.63 2.24 -1.11
CA VAL A 30 -3.48 1.93 -1.93
C VAL A 30 -2.31 1.48 -1.05
N GLU A 31 -2.17 2.14 0.09
CA GLU A 31 -1.11 1.82 1.04
C GLU A 31 -1.39 0.50 1.73
N SER A 32 -2.66 0.14 1.86
CA SER A 32 -3.04 -1.12 2.50
C SER A 32 -2.40 -2.29 1.78
N HIS A 33 -2.33 -2.21 0.46
CA HIS A 33 -1.73 -3.27 -0.35
C HIS A 33 -0.20 -3.25 -0.25
N TRP A 34 0.35 -2.09 0.11
CA TRP A 34 1.80 -1.95 0.23
C TRP A 34 2.35 -2.83 1.35
N LYS A 35 3.65 -3.09 1.31
CA LYS A 35 4.31 -3.90 2.32
C LYS A 35 4.75 -3.02 3.48
N VAL A 36 4.18 -3.25 4.66
CA VAL A 36 4.52 -2.44 5.82
C VAL A 36 5.06 -3.29 6.97
N CYS A 37 6.14 -2.81 7.57
CA CYS A 37 6.76 -3.50 8.70
C CYS A 37 5.96 -3.24 9.97
N PRO A 38 5.62 -4.31 10.72
CA PRO A 38 4.84 -4.18 11.95
C PRO A 38 5.69 -3.91 13.19
N MET A 39 7.01 -3.95 13.03
CA MET A 39 7.91 -3.72 14.15
C MET A 39 8.21 -2.23 14.33
N CYS A 40 8.12 -1.47 13.24
CA CYS A 40 8.39 -0.04 13.29
C CYS A 40 7.28 0.76 12.61
N SER A 41 6.59 0.13 11.65
CA SER A 41 5.49 0.76 10.91
C SER A 41 6.01 1.52 9.68
N GLU A 42 6.95 0.91 8.97
CA GLU A 42 7.51 1.52 7.76
C GLU A 42 6.73 1.08 6.55
N GLN A 43 6.63 1.95 5.55
CA GLN A 43 5.89 1.61 4.35
C GLN A 43 6.83 1.31 3.19
N PHE A 44 6.58 0.19 2.53
CA PHE A 44 7.38 -0.24 1.39
C PHE A 44 6.51 -0.35 0.13
N PRO A 45 6.82 0.40 -0.93
CA PRO A 45 6.04 0.37 -2.17
C PRO A 45 6.02 -1.04 -2.78
N PRO A 46 5.03 -1.33 -3.63
CA PRO A 46 4.89 -2.64 -4.27
C PRO A 46 6.10 -2.99 -5.13
N ASP A 47 6.79 -1.96 -5.60
CA ASP A 47 7.97 -2.16 -6.44
C ASP A 47 9.20 -2.43 -5.59
N TYR A 48 9.08 -2.21 -4.28
CA TYR A 48 10.19 -2.44 -3.36
C TYR A 48 10.59 -3.91 -3.35
N ASP A 49 11.90 -4.16 -3.31
CA ASP A 49 12.42 -5.52 -3.29
C ASP A 49 12.03 -6.22 -2.00
N GLN A 50 11.29 -7.32 -2.12
CA GLN A 50 10.84 -8.09 -0.96
C GLN A 50 12.03 -8.50 -0.09
N GLN A 51 13.16 -8.76 -0.74
CA GLN A 51 14.37 -9.17 -0.03
C GLN A 51 14.81 -8.09 0.93
N VAL A 52 14.82 -6.85 0.46
CA VAL A 52 15.22 -5.72 1.28
C VAL A 52 14.23 -5.52 2.42
N PHE A 53 12.94 -5.63 2.11
CA PHE A 53 11.90 -5.49 3.10
C PHE A 53 12.03 -6.55 4.19
N GLU A 54 12.12 -7.81 3.76
CA GLU A 54 12.26 -8.92 4.70
C GLU A 54 13.46 -8.70 5.61
N ARG A 55 14.54 -8.18 5.04
CA ARG A 55 15.75 -7.90 5.82
C ARG A 55 15.47 -6.85 6.87
N HIS A 56 14.68 -5.84 6.49
CA HIS A 56 14.32 -4.76 7.39
C HIS A 56 13.40 -5.26 8.50
N VAL A 57 12.36 -6.00 8.12
CA VAL A 57 11.43 -6.54 9.10
C VAL A 57 12.15 -7.53 10.00
N GLN A 58 13.00 -8.35 9.39
CA GLN A 58 13.77 -9.34 10.13
C GLN A 58 14.75 -8.64 11.07
N THR A 59 15.19 -7.46 10.66
CA THR A 59 16.11 -6.66 11.46
C THR A 59 15.49 -6.35 12.83
N HIS A 60 14.16 -6.33 12.86
CA HIS A 60 13.43 -6.06 14.10
C HIS A 60 13.24 -7.33 14.91
N PHE A 61 13.19 -8.47 14.21
CA PHE A 61 13.00 -9.76 14.86
C PHE A 61 14.24 -10.16 15.65
N ASP A 62 15.38 -9.57 15.31
CA ASP A 62 16.63 -9.89 15.99
C ASP A 62 16.91 -8.88 17.10
N GLN A 63 15.87 -8.24 17.61
CA GLN A 63 16.01 -7.26 18.67
C GLN A 63 14.65 -6.74 19.11
N ASN A 64 14.03 -7.45 20.05
CA ASN A 64 12.72 -7.06 20.56
C ASN A 64 12.84 -5.87 21.50
ZN ZN B . -6.12 -1.26 -4.14
ZN ZN C . 10.52 -2.20 10.49
N SER A 2 -13.43 4.77 -25.65
CA SER A 2 -13.12 5.49 -24.39
C SER A 2 -14.33 5.54 -23.47
N SER A 3 -14.14 5.08 -22.23
CA SER A 3 -15.22 5.07 -21.25
C SER A 3 -15.22 6.35 -20.42
N PHE A 4 -16.38 6.97 -20.28
CA PHE A 4 -16.50 8.19 -19.50
C PHE A 4 -16.95 7.89 -18.07
N ASP A 5 -16.00 7.91 -17.14
CA ASP A 5 -16.30 7.64 -15.75
C ASP A 5 -15.30 8.35 -14.83
N VAL A 6 -15.71 8.62 -13.60
CA VAL A 6 -14.86 9.30 -12.63
C VAL A 6 -14.63 8.41 -11.40
N HIS A 7 -14.36 7.13 -11.65
CA HIS A 7 -14.13 6.17 -10.57
C HIS A 7 -12.63 5.93 -10.39
N LYS A 8 -12.19 5.90 -9.13
CA LYS A 8 -10.79 5.67 -8.82
C LYS A 8 -10.50 4.18 -8.71
N LYS A 9 -9.66 3.67 -9.62
CA LYS A 9 -9.30 2.25 -9.62
C LYS A 9 -7.85 2.06 -9.20
N CYS A 10 -7.65 1.30 -8.12
CA CYS A 10 -6.31 1.04 -7.62
C CYS A 10 -5.59 0.03 -8.52
N PRO A 11 -4.44 0.43 -9.09
CA PRO A 11 -3.66 -0.44 -10.00
C PRO A 11 -3.27 -1.76 -9.35
N LEU A 12 -3.13 -1.76 -8.03
CA LEU A 12 -2.73 -2.96 -7.30
C LEU A 12 -3.85 -4.01 -7.27
N CYS A 13 -5.09 -3.55 -7.44
CA CYS A 13 -6.23 -4.46 -7.43
C CYS A 13 -7.23 -4.09 -8.52
N GLU A 14 -8.41 -4.68 -8.46
CA GLU A 14 -9.46 -4.41 -9.44
C GLU A 14 -10.72 -3.86 -8.76
N LEU A 15 -10.52 -3.02 -7.74
CA LEU A 15 -11.64 -2.44 -7.01
C LEU A 15 -11.94 -1.03 -7.52
N MET A 16 -13.23 -0.71 -7.65
CA MET A 16 -13.65 0.59 -8.12
C MET A 16 -14.15 1.45 -6.96
N PHE A 17 -13.67 2.69 -6.92
CA PHE A 17 -14.06 3.61 -5.85
C PHE A 17 -14.92 4.75 -6.40
N PRO A 18 -15.93 5.20 -5.62
CA PRO A 18 -16.83 6.27 -6.02
C PRO A 18 -16.10 7.61 -6.22
N PRO A 19 -16.67 8.51 -7.03
CA PRO A 19 -16.07 9.82 -7.30
C PRO A 19 -15.94 10.66 -6.03
N ASN A 20 -16.79 10.37 -5.04
CA ASN A 20 -16.77 11.09 -3.77
C ASN A 20 -15.84 10.40 -2.77
N TYR A 21 -15.04 9.46 -3.25
CA TYR A 21 -14.11 8.73 -2.39
C TYR A 21 -12.92 9.60 -2.01
N ASP A 22 -12.58 9.61 -0.72
CA ASP A 22 -11.46 10.41 -0.23
C ASP A 22 -10.14 9.86 -0.76
N GLN A 23 -9.33 10.74 -1.33
CA GLN A 23 -8.03 10.35 -1.88
C GLN A 23 -7.15 9.73 -0.81
N SER A 24 -7.14 10.35 0.37
CA SER A 24 -6.34 9.85 1.49
C SER A 24 -6.68 8.39 1.76
N LYS A 25 -7.97 8.07 1.66
CA LYS A 25 -8.43 6.71 1.87
C LYS A 25 -7.88 5.82 0.77
N PHE A 26 -7.80 6.39 -0.43
CA PHE A 26 -7.28 5.67 -1.58
C PHE A 26 -5.81 5.36 -1.37
N GLU A 27 -5.08 6.31 -0.81
CA GLU A 27 -3.67 6.14 -0.53
C GLU A 27 -3.48 4.99 0.45
N GLU A 28 -4.33 4.95 1.46
CA GLU A 28 -4.28 3.91 2.48
C GLU A 28 -4.58 2.55 1.87
N HIS A 29 -5.56 2.51 0.98
CA HIS A 29 -5.93 1.27 0.30
C HIS A 29 -4.83 0.83 -0.64
N VAL A 30 -4.32 1.77 -1.42
CA VAL A 30 -3.24 1.48 -2.35
C VAL A 30 -2.02 0.96 -1.59
N GLU A 31 -1.70 1.63 -0.48
CA GLU A 31 -0.57 1.22 0.35
C GLU A 31 -0.88 -0.07 1.09
N SER A 32 -2.16 -0.33 1.32
CA SER A 32 -2.58 -1.54 2.00
C SER A 32 -2.04 -2.76 1.26
N HIS A 33 -1.86 -2.60 -0.05
CA HIS A 33 -1.32 -3.68 -0.88
C HIS A 33 0.20 -3.73 -0.79
N TRP A 34 0.80 -2.59 -0.45
CA TRP A 34 2.25 -2.49 -0.34
C TRP A 34 2.76 -3.28 0.85
N LYS A 35 4.07 -3.52 0.87
CA LYS A 35 4.70 -4.26 1.96
C LYS A 35 5.01 -3.32 3.12
N VAL A 36 4.18 -3.34 4.15
CA VAL A 36 4.37 -2.47 5.30
C VAL A 36 4.79 -3.24 6.53
N CYS A 37 5.79 -2.71 7.23
CA CYS A 37 6.31 -3.31 8.44
C CYS A 37 5.38 -3.05 9.62
N PRO A 38 5.01 -4.09 10.38
CA PRO A 38 4.12 -3.95 11.53
C PRO A 38 4.84 -3.58 12.83
N MET A 39 6.17 -3.59 12.79
CA MET A 39 6.96 -3.25 13.97
C MET A 39 7.20 -1.75 14.08
N CYS A 40 7.19 -1.06 12.95
CA CYS A 40 7.39 0.38 12.93
C CYS A 40 6.31 1.10 12.12
N SER A 41 5.91 0.48 10.99
CA SER A 41 4.88 1.02 10.10
C SER A 41 5.49 1.61 8.83
N GLU A 42 6.59 1.01 8.36
CA GLU A 42 7.24 1.48 7.14
C GLU A 42 6.68 0.72 5.95
N GLN A 43 6.21 1.44 4.94
CA GLN A 43 5.64 0.81 3.77
C GLN A 43 6.58 0.89 2.58
N PHE A 44 6.74 -0.25 1.91
CA PHE A 44 7.62 -0.34 0.75
C PHE A 44 6.80 -0.69 -0.50
N PRO A 45 7.17 -0.12 -1.66
CA PRO A 45 6.45 -0.38 -2.92
C PRO A 45 6.44 -1.86 -3.30
N PRO A 46 5.47 -2.26 -4.14
CA PRO A 46 5.33 -3.65 -4.58
C PRO A 46 6.53 -4.10 -5.40
N ASP A 47 7.17 -3.15 -6.09
CA ASP A 47 8.33 -3.45 -6.92
C ASP A 47 9.60 -3.48 -6.08
N TYR A 48 9.51 -3.01 -4.83
CA TYR A 48 10.65 -2.98 -3.93
C TYR A 48 11.17 -4.39 -3.68
N ASP A 49 12.49 -4.51 -3.52
CA ASP A 49 13.10 -5.81 -3.27
C ASP A 49 12.67 -6.36 -1.92
N GLN A 50 12.00 -7.50 -1.95
CA GLN A 50 11.52 -8.14 -0.72
C GLN A 50 12.67 -8.38 0.25
N GLN A 51 13.87 -8.57 -0.28
CA GLN A 51 15.05 -8.80 0.54
C GLN A 51 15.28 -7.63 1.49
N VAL A 52 15.19 -6.42 0.96
CA VAL A 52 15.38 -5.21 1.74
C VAL A 52 14.27 -5.07 2.77
N PHE A 53 13.05 -5.38 2.35
CA PHE A 53 11.90 -5.29 3.23
C PHE A 53 11.99 -6.32 4.34
N GLU A 54 12.22 -7.57 3.97
CA GLU A 54 12.32 -8.66 4.94
C GLU A 54 13.39 -8.35 5.98
N ARG A 55 14.52 -7.81 5.53
CA ARG A 55 15.59 -7.46 6.43
C ARG A 55 15.16 -6.34 7.37
N HIS A 56 14.40 -5.38 6.82
CA HIS A 56 13.91 -4.26 7.61
C HIS A 56 12.92 -4.74 8.67
N VAL A 57 11.95 -5.55 8.27
CA VAL A 57 10.96 -6.08 9.21
C VAL A 57 11.66 -7.01 10.20
N GLN A 58 12.56 -7.83 9.69
CA GLN A 58 13.31 -8.77 10.52
C GLN A 58 14.18 -8.00 11.50
N THR A 59 14.63 -6.82 11.07
CA THR A 59 15.47 -5.97 11.90
C THR A 59 14.74 -5.61 13.20
N HIS A 60 13.41 -5.62 13.13
CA HIS A 60 12.59 -5.30 14.29
C HIS A 60 12.37 -6.54 15.16
N PHE A 61 12.37 -7.71 14.53
CA PHE A 61 12.18 -8.97 15.25
C PHE A 61 13.40 -9.30 16.10
N ASP A 62 14.57 -8.83 15.67
CA ASP A 62 15.81 -9.08 16.39
C ASP A 62 16.24 -7.85 17.18
N GLN A 63 15.28 -6.99 17.51
CA GLN A 63 15.57 -5.77 18.25
C GLN A 63 15.19 -5.94 19.73
N ASN A 64 16.17 -5.74 20.61
CA ASN A 64 15.94 -5.88 22.05
C ASN A 64 15.87 -4.50 22.71
ZN ZN B . -6.09 -1.59 -4.45
ZN ZN C . 9.87 -1.73 10.33
N SER A 2 -22.91 2.09 -8.85
CA SER A 2 -22.07 2.43 -10.03
C SER A 2 -22.38 3.83 -10.55
N SER A 3 -21.52 4.34 -11.42
CA SER A 3 -21.71 5.66 -11.99
C SER A 3 -20.97 5.79 -13.33
N PHE A 4 -19.70 5.40 -13.33
CA PHE A 4 -18.89 5.48 -14.53
C PHE A 4 -18.76 6.92 -15.02
N ASP A 5 -17.63 7.55 -14.71
CA ASP A 5 -17.40 8.93 -15.11
C ASP A 5 -16.00 9.40 -14.68
N VAL A 6 -15.61 9.00 -13.47
CA VAL A 6 -14.31 9.35 -12.94
C VAL A 6 -13.96 8.49 -11.73
N HIS A 7 -14.20 7.19 -11.86
CA HIS A 7 -13.92 6.25 -10.77
C HIS A 7 -12.42 6.17 -10.50
N LYS A 8 -12.07 5.97 -9.23
CA LYS A 8 -10.68 5.87 -8.83
C LYS A 8 -10.20 4.43 -8.88
N LYS A 9 -9.20 4.16 -9.71
CA LYS A 9 -8.67 2.81 -9.86
C LYS A 9 -7.28 2.70 -9.23
N CYS A 10 -7.16 1.82 -8.24
CA CYS A 10 -5.89 1.61 -7.56
C CYS A 10 -4.92 0.82 -8.45
N PRO A 11 -3.63 1.19 -8.45
CA PRO A 11 -2.61 0.53 -9.26
C PRO A 11 -2.08 -0.75 -8.64
N LEU A 12 -2.87 -1.39 -7.78
CA LEU A 12 -2.45 -2.63 -7.13
C LEU A 12 -3.57 -3.68 -7.15
N CYS A 13 -4.74 -3.31 -7.69
CA CYS A 13 -5.86 -4.23 -7.75
C CYS A 13 -6.77 -3.87 -8.93
N GLU A 14 -7.94 -4.50 -8.98
CA GLU A 14 -8.89 -4.25 -10.05
C GLU A 14 -10.24 -3.80 -9.49
N LEU A 15 -10.19 -2.90 -8.51
CA LEU A 15 -11.41 -2.39 -7.88
C LEU A 15 -11.66 -0.94 -8.29
N MET A 16 -12.92 -0.63 -8.57
CA MET A 16 -13.29 0.74 -8.96
C MET A 16 -13.94 1.47 -7.79
N PHE A 17 -13.50 2.70 -7.55
CA PHE A 17 -14.05 3.49 -6.46
C PHE A 17 -14.92 4.63 -6.99
N PRO A 18 -15.99 4.98 -6.25
CA PRO A 18 -16.91 6.06 -6.65
C PRO A 18 -16.24 7.43 -6.64
N PRO A 19 -16.78 8.38 -7.43
CA PRO A 19 -16.23 9.74 -7.51
C PRO A 19 -16.26 10.46 -6.17
N ASN A 20 -17.17 10.04 -5.29
CA ASN A 20 -17.30 10.64 -3.98
C ASN A 20 -16.45 9.90 -2.95
N TYR A 21 -15.54 9.05 -3.43
CA TYR A 21 -14.67 8.29 -2.55
C TYR A 21 -13.57 9.17 -1.97
N ASP A 22 -13.36 9.07 -0.66
CA ASP A 22 -12.34 9.86 0.02
C ASP A 22 -10.94 9.44 -0.43
N GLN A 23 -10.16 10.40 -0.89
CA GLN A 23 -8.80 10.13 -1.35
C GLN A 23 -7.97 9.50 -0.24
N SER A 24 -8.13 10.00 0.98
CA SER A 24 -7.40 9.48 2.13
C SER A 24 -7.62 7.98 2.25
N LYS A 25 -8.87 7.56 2.08
CA LYS A 25 -9.20 6.14 2.15
C LYS A 25 -8.53 5.41 1.00
N PHE A 26 -8.44 6.08 -0.13
CA PHE A 26 -7.81 5.52 -1.32
C PHE A 26 -6.32 5.33 -1.06
N GLU A 27 -5.71 6.31 -0.41
CA GLU A 27 -4.29 6.24 -0.09
C GLU A 27 -4.03 5.05 0.82
N GLU A 28 -4.96 4.82 1.75
CA GLU A 28 -4.85 3.71 2.68
C GLU A 28 -5.05 2.38 1.96
N HIS A 29 -6.01 2.36 1.04
CA HIS A 29 -6.31 1.16 0.27
C HIS A 29 -5.12 0.81 -0.62
N VAL A 30 -4.63 1.81 -1.33
CA VAL A 30 -3.48 1.62 -2.20
C VAL A 30 -2.29 1.14 -1.40
N GLU A 31 -1.99 1.85 -0.31
CA GLU A 31 -0.88 1.49 0.55
C GLU A 31 -1.12 0.13 1.20
N SER A 32 -2.39 -0.24 1.35
CA SER A 32 -2.74 -1.52 1.94
C SER A 32 -2.08 -2.65 1.18
N HIS A 33 -2.03 -2.52 -0.14
CA HIS A 33 -1.39 -3.52 -0.99
C HIS A 33 0.12 -3.50 -0.83
N TRP A 34 0.64 -2.35 -0.42
CA TRP A 34 2.09 -2.18 -0.23
C TRP A 34 2.58 -2.97 0.98
N LYS A 35 3.88 -3.23 1.00
CA LYS A 35 4.50 -3.96 2.10
C LYS A 35 4.92 -2.98 3.18
N VAL A 36 4.31 -3.08 4.35
CA VAL A 36 4.63 -2.17 5.45
C VAL A 36 5.12 -2.90 6.69
N CYS A 37 6.19 -2.39 7.27
CA CYS A 37 6.77 -2.95 8.48
C CYS A 37 5.98 -2.49 9.71
N PRO A 38 5.58 -3.44 10.58
CA PRO A 38 4.81 -3.12 11.78
C PRO A 38 5.67 -2.74 12.98
N MET A 39 6.98 -2.88 12.85
CA MET A 39 7.89 -2.54 13.95
C MET A 39 8.27 -1.06 13.93
N CYS A 40 8.23 -0.45 12.75
CA CYS A 40 8.57 0.96 12.61
C CYS A 40 7.53 1.72 11.81
N SER A 41 6.73 1.00 11.02
CA SER A 41 5.67 1.60 10.19
C SER A 41 6.24 2.15 8.89
N GLU A 42 7.22 1.45 8.32
CA GLU A 42 7.82 1.86 7.05
C GLU A 42 7.01 1.33 5.88
N GLN A 43 6.94 2.11 4.81
CA GLN A 43 6.19 1.67 3.64
C GLN A 43 7.13 1.25 2.52
N PHE A 44 6.85 0.08 1.97
CA PHE A 44 7.64 -0.47 0.88
C PHE A 44 6.78 -0.66 -0.38
N PRO A 45 7.13 0.00 -1.49
CA PRO A 45 6.38 -0.13 -2.74
C PRO A 45 6.30 -1.57 -3.22
N PRO A 46 5.31 -1.90 -4.06
CA PRO A 46 5.13 -3.26 -4.59
C PRO A 46 6.32 -3.71 -5.43
N ASP A 47 7.09 -2.74 -5.93
CA ASP A 47 8.25 -3.06 -6.76
C ASP A 47 9.46 -3.41 -5.88
N TYR A 48 9.34 -3.15 -4.59
CA TYR A 48 10.42 -3.44 -3.64
C TYR A 48 10.61 -4.95 -3.49
N ASP A 49 11.85 -5.37 -3.32
CA ASP A 49 12.17 -6.79 -3.15
C ASP A 49 11.80 -7.25 -1.75
N GLN A 50 11.01 -8.32 -1.67
CA GLN A 50 10.59 -8.85 -0.37
C GLN A 50 11.80 -9.20 0.49
N GLN A 51 12.90 -9.55 -0.15
CA GLN A 51 14.12 -9.90 0.58
C GLN A 51 14.60 -8.71 1.41
N VAL A 52 14.59 -7.54 0.81
CA VAL A 52 15.02 -6.33 1.50
C VAL A 52 14.02 -5.97 2.60
N PHE A 53 12.75 -6.11 2.29
CA PHE A 53 11.69 -5.81 3.25
C PHE A 53 11.75 -6.77 4.43
N GLU A 54 11.77 -8.06 4.12
CA GLU A 54 11.83 -9.10 5.15
C GLU A 54 13.02 -8.87 6.08
N ARG A 55 14.17 -8.54 5.51
CA ARG A 55 15.37 -8.28 6.28
C ARG A 55 15.16 -7.06 7.18
N HIS A 56 14.49 -6.05 6.64
CA HIS A 56 14.21 -4.83 7.38
C HIS A 56 13.25 -5.11 8.54
N VAL A 57 12.18 -5.83 8.28
CA VAL A 57 11.22 -6.16 9.32
C VAL A 57 11.88 -7.09 10.33
N GLN A 58 12.65 -8.04 9.83
CA GLN A 58 13.37 -8.98 10.69
C GLN A 58 14.39 -8.23 11.54
N THR A 59 14.92 -7.14 10.98
CA THR A 59 15.89 -6.31 11.67
C THR A 59 15.30 -5.78 12.98
N HIS A 60 13.98 -5.67 13.01
CA HIS A 60 13.27 -5.18 14.19
C HIS A 60 13.01 -6.33 15.16
N PHE A 61 12.85 -7.53 14.61
CA PHE A 61 12.58 -8.72 15.42
C PHE A 61 13.81 -9.12 16.24
N ASP A 62 14.99 -8.64 15.81
CA ASP A 62 16.24 -8.96 16.50
C ASP A 62 16.49 -7.98 17.64
N GLN A 63 15.53 -7.09 17.91
CA GLN A 63 15.68 -6.11 18.98
C GLN A 63 16.91 -5.25 18.77
N ASN A 64 16.69 -4.00 18.37
CA ASN A 64 17.79 -3.06 18.13
C ASN A 64 17.53 -1.74 18.84
ZN ZN B . -5.97 -1.39 -4.67
ZN ZN C . 10.62 -1.63 10.10
N SER A 2 -27.21 10.36 -19.83
CA SER A 2 -25.94 9.59 -19.88
C SER A 2 -24.98 10.02 -18.78
N SER A 3 -24.46 9.05 -18.03
CA SER A 3 -23.54 9.34 -16.94
C SER A 3 -22.12 8.90 -17.31
N PHE A 4 -21.15 9.80 -17.13
CA PHE A 4 -19.76 9.49 -17.43
C PHE A 4 -19.23 8.40 -16.52
N ASP A 5 -17.97 8.04 -16.72
CA ASP A 5 -17.33 6.99 -15.91
C ASP A 5 -16.10 7.54 -15.20
N VAL A 6 -16.31 8.15 -14.03
CA VAL A 6 -15.22 8.71 -13.25
C VAL A 6 -15.00 7.91 -11.96
N HIS A 7 -14.30 6.79 -12.08
CA HIS A 7 -14.02 5.94 -10.93
C HIS A 7 -12.52 5.77 -10.72
N LYS A 8 -12.11 5.76 -9.44
CA LYS A 8 -10.70 5.61 -9.09
C LYS A 8 -10.32 4.12 -9.04
N LYS A 9 -9.26 3.77 -9.76
CA LYS A 9 -8.79 2.39 -9.79
C LYS A 9 -7.39 2.27 -9.18
N CYS A 10 -7.28 1.45 -8.14
CA CYS A 10 -6.00 1.24 -7.46
C CYS A 10 -5.10 0.32 -8.28
N PRO A 11 -3.79 0.61 -8.32
CA PRO A 11 -2.81 -0.18 -9.08
C PRO A 11 -2.33 -1.42 -8.33
N LEU A 12 -3.16 -1.94 -7.42
CA LEU A 12 -2.78 -3.12 -6.65
C LEU A 12 -3.96 -4.10 -6.53
N CYS A 13 -5.10 -3.74 -7.08
CA CYS A 13 -6.28 -4.60 -7.03
C CYS A 13 -7.20 -4.33 -8.23
N GLU A 14 -8.40 -4.88 -8.17
CA GLU A 14 -9.37 -4.70 -9.25
C GLU A 14 -10.68 -4.14 -8.72
N LEU A 15 -10.58 -3.15 -7.84
CA LEU A 15 -11.77 -2.53 -7.24
C LEU A 15 -12.00 -1.14 -7.82
N MET A 16 -13.27 -0.77 -7.93
CA MET A 16 -13.65 0.54 -8.46
C MET A 16 -14.16 1.43 -7.34
N PHE A 17 -13.67 2.67 -7.29
CA PHE A 17 -14.09 3.62 -6.27
C PHE A 17 -14.93 4.74 -6.88
N PRO A 18 -15.93 5.24 -6.13
CA PRO A 18 -16.82 6.31 -6.59
C PRO A 18 -16.08 7.64 -6.77
N PRO A 19 -16.61 8.52 -7.62
CA PRO A 19 -16.00 9.84 -7.88
C PRO A 19 -15.91 10.69 -6.63
N ASN A 20 -16.81 10.43 -5.67
CA ASN A 20 -16.84 11.17 -4.42
C ASN A 20 -15.92 10.53 -3.37
N TYR A 21 -15.10 9.57 -3.81
CA TYR A 21 -14.19 8.89 -2.91
C TYR A 21 -12.99 9.77 -2.56
N ASP A 22 -12.74 9.95 -1.27
CA ASP A 22 -11.63 10.76 -0.81
C ASP A 22 -10.30 10.12 -1.17
N GLN A 23 -9.39 10.90 -1.74
CA GLN A 23 -8.09 10.38 -2.14
C GLN A 23 -7.33 9.85 -0.92
N SER A 24 -7.56 10.45 0.24
CA SER A 24 -6.89 10.02 1.46
C SER A 24 -7.21 8.56 1.73
N LYS A 25 -8.48 8.21 1.61
CA LYS A 25 -8.93 6.84 1.82
C LYS A 25 -8.33 5.95 0.74
N PHE A 26 -8.21 6.51 -0.46
CA PHE A 26 -7.64 5.79 -1.58
C PHE A 26 -6.17 5.48 -1.31
N GLU A 27 -5.47 6.45 -0.74
CA GLU A 27 -4.06 6.29 -0.40
C GLU A 27 -3.89 5.15 0.57
N GLU A 28 -4.72 5.15 1.62
CA GLU A 28 -4.68 4.11 2.63
C GLU A 28 -4.95 2.75 2.01
N HIS A 29 -5.92 2.70 1.11
CA HIS A 29 -6.28 1.46 0.42
C HIS A 29 -5.13 1.00 -0.45
N VAL A 30 -4.62 1.91 -1.27
CA VAL A 30 -3.49 1.59 -2.14
C VAL A 30 -2.29 1.15 -1.31
N GLU A 31 -2.12 1.81 -0.17
CA GLU A 31 -1.02 1.49 0.75
C GLU A 31 -1.26 0.15 1.43
N SER A 32 -2.53 -0.20 1.60
CA SER A 32 -2.89 -1.47 2.24
C SER A 32 -2.24 -2.64 1.51
N HIS A 33 -2.22 -2.55 0.19
CA HIS A 33 -1.62 -3.60 -0.64
C HIS A 33 -0.09 -3.58 -0.55
N TRP A 34 0.46 -2.42 -0.21
CA TRP A 34 1.91 -2.28 -0.09
C TRP A 34 2.46 -3.12 1.05
N LYS A 35 3.76 -3.35 1.04
CA LYS A 35 4.42 -4.13 2.09
C LYS A 35 4.78 -3.21 3.25
N VAL A 36 4.15 -3.43 4.40
CA VAL A 36 4.41 -2.59 5.57
C VAL A 36 4.95 -3.37 6.75
N CYS A 37 5.99 -2.83 7.36
CA CYS A 37 6.62 -3.44 8.52
C CYS A 37 5.76 -3.19 9.76
N PRO A 38 5.44 -4.25 10.52
CA PRO A 38 4.61 -4.12 11.72
C PRO A 38 5.40 -3.78 12.97
N MET A 39 6.73 -3.79 12.88
CA MET A 39 7.56 -3.47 14.03
C MET A 39 7.81 -1.97 14.15
N CYS A 40 7.75 -1.26 13.03
CA CYS A 40 7.97 0.19 13.03
C CYS A 40 6.86 0.93 12.28
N SER A 41 6.23 0.25 11.33
CA SER A 41 5.15 0.84 10.53
C SER A 41 5.70 1.54 9.29
N GLU A 42 6.69 0.93 8.65
CA GLU A 42 7.29 1.49 7.44
C GLU A 42 6.53 1.02 6.21
N GLN A 43 6.47 1.86 5.18
CA GLN A 43 5.78 1.50 3.96
C GLN A 43 6.75 1.16 2.85
N PHE A 44 6.52 0.02 2.22
CA PHE A 44 7.36 -0.44 1.11
C PHE A 44 6.54 -0.59 -0.17
N PRO A 45 6.90 0.15 -1.24
CA PRO A 45 6.19 0.07 -2.52
C PRO A 45 6.19 -1.35 -3.08
N PRO A 46 5.22 -1.68 -3.94
CA PRO A 46 5.11 -3.01 -4.55
C PRO A 46 6.31 -3.35 -5.41
N ASP A 47 6.98 -2.32 -5.93
CA ASP A 47 8.16 -2.51 -6.76
C ASP A 47 9.41 -2.74 -5.92
N TYR A 48 9.29 -2.49 -4.61
CA TYR A 48 10.42 -2.66 -3.69
C TYR A 48 10.90 -4.11 -3.70
N ASP A 49 12.09 -4.34 -3.16
CA ASP A 49 12.66 -5.68 -3.11
C ASP A 49 12.26 -6.38 -1.81
N GLN A 50 11.61 -7.53 -1.94
CA GLN A 50 11.17 -8.30 -0.79
C GLN A 50 12.34 -8.62 0.13
N GLN A 51 13.51 -8.85 -0.47
CA GLN A 51 14.70 -9.16 0.30
C GLN A 51 15.05 -8.02 1.25
N VAL A 52 15.00 -6.80 0.73
CA VAL A 52 15.29 -5.62 1.54
C VAL A 52 14.22 -5.43 2.62
N PHE A 53 12.98 -5.69 2.26
CA PHE A 53 11.88 -5.56 3.21
C PHE A 53 12.00 -6.59 4.32
N GLU A 54 12.17 -7.85 3.94
CA GLU A 54 12.30 -8.94 4.91
C GLU A 54 13.45 -8.65 5.88
N ARG A 55 14.56 -8.14 5.35
CA ARG A 55 15.71 -7.81 6.18
C ARG A 55 15.36 -6.69 7.15
N HIS A 56 14.59 -5.72 6.66
CA HIS A 56 14.17 -4.59 7.48
C HIS A 56 13.23 -5.05 8.60
N VAL A 57 12.24 -5.84 8.24
CA VAL A 57 11.29 -6.34 9.23
C VAL A 57 12.01 -7.29 10.19
N GLN A 58 12.89 -8.11 9.63
CA GLN A 58 13.66 -9.05 10.44
C GLN A 58 14.61 -8.29 11.36
N THR A 59 15.06 -7.12 10.90
CA THR A 59 15.95 -6.28 11.67
C THR A 59 15.30 -5.88 12.99
N HIS A 60 13.97 -5.87 12.99
CA HIS A 60 13.20 -5.52 14.18
C HIS A 60 13.02 -6.73 15.10
N PHE A 61 12.97 -7.92 14.49
CA PHE A 61 12.79 -9.15 15.23
C PHE A 61 14.04 -9.49 16.03
N ASP A 62 15.19 -9.04 15.54
CA ASP A 62 16.46 -9.30 16.22
C ASP A 62 16.82 -8.16 17.17
N GLN A 63 16.24 -6.99 16.93
CA GLN A 63 16.51 -5.82 17.78
C GLN A 63 15.20 -5.16 18.21
N ASN A 64 14.61 -5.70 19.28
CA ASN A 64 13.35 -5.16 19.80
C ASN A 64 13.61 -4.01 20.77
ZN ZN B . -6.20 -1.43 -4.28
ZN ZN C . 10.30 -1.93 10.33
N SER A 2 -4.22 14.55 -16.44
CA SER A 2 -5.64 14.38 -16.05
C SER A 2 -6.36 13.41 -16.99
N SER A 3 -6.81 12.29 -16.44
CA SER A 3 -7.51 11.28 -17.23
C SER A 3 -8.97 11.67 -17.43
N PHE A 4 -9.64 10.98 -18.35
CA PHE A 4 -11.05 11.25 -18.64
C PHE A 4 -11.95 10.21 -17.98
N ASP A 5 -11.51 9.69 -16.83
CA ASP A 5 -12.27 8.69 -16.11
C ASP A 5 -12.94 9.31 -14.87
N VAL A 6 -13.95 8.62 -14.35
CA VAL A 6 -14.67 9.09 -13.17
C VAL A 6 -14.40 8.20 -11.96
N HIS A 7 -14.16 6.91 -12.23
CA HIS A 7 -13.90 5.96 -11.16
C HIS A 7 -12.39 5.80 -10.93
N LYS A 8 -11.98 5.90 -9.68
CA LYS A 8 -10.57 5.76 -9.32
C LYS A 8 -10.19 4.30 -9.19
N LYS A 9 -9.16 3.89 -9.93
CA LYS A 9 -8.69 2.52 -9.90
C LYS A 9 -7.32 2.42 -9.25
N CYS A 10 -7.23 1.59 -8.20
CA CYS A 10 -5.97 1.40 -7.49
C CYS A 10 -5.00 0.55 -8.32
N PRO A 11 -3.70 0.92 -8.33
CA PRO A 11 -2.69 0.19 -9.10
C PRO A 11 -2.16 -1.05 -8.39
N LEU A 12 -2.97 -1.62 -7.49
CA LEU A 12 -2.56 -2.81 -6.76
C LEU A 12 -3.68 -3.86 -6.71
N CYS A 13 -4.84 -3.53 -7.28
CA CYS A 13 -5.98 -4.44 -7.29
C CYS A 13 -6.88 -4.17 -8.49
N GLU A 14 -8.05 -4.80 -8.48
CA GLU A 14 -9.00 -4.62 -9.59
C GLU A 14 -10.34 -4.10 -9.06
N LEU A 15 -10.28 -3.15 -8.13
CA LEU A 15 -11.48 -2.58 -7.55
C LEU A 15 -11.69 -1.15 -8.04
N MET A 16 -12.94 -0.79 -8.29
CA MET A 16 -13.27 0.55 -8.76
C MET A 16 -13.91 1.37 -7.63
N PHE A 17 -13.49 2.64 -7.52
CA PHE A 17 -14.01 3.52 -6.49
C PHE A 17 -14.84 4.65 -7.11
N PRO A 18 -15.93 5.06 -6.42
CA PRO A 18 -16.80 6.13 -6.91
C PRO A 18 -16.10 7.49 -6.93
N PRO A 19 -16.58 8.42 -7.78
CA PRO A 19 -15.99 9.76 -7.89
C PRO A 19 -16.06 10.53 -6.58
N ASN A 20 -17.00 10.17 -5.72
CA ASN A 20 -17.17 10.83 -4.44
C ASN A 20 -16.35 10.12 -3.35
N TYR A 21 -15.45 9.23 -3.77
CA TYR A 21 -14.61 8.50 -2.83
C TYR A 21 -13.52 9.39 -2.26
N ASP A 22 -13.30 9.30 -0.95
CA ASP A 22 -12.28 10.10 -0.28
C ASP A 22 -10.89 9.68 -0.72
N GLN A 23 -10.10 10.63 -1.20
CA GLN A 23 -8.74 10.36 -1.65
C GLN A 23 -7.91 9.76 -0.53
N SER A 24 -8.04 10.33 0.66
CA SER A 24 -7.30 9.84 1.84
C SER A 24 -7.55 8.36 2.03
N LYS A 25 -8.80 7.94 1.85
CA LYS A 25 -9.17 6.55 1.99
C LYS A 25 -8.50 5.74 0.88
N PHE A 26 -8.39 6.36 -0.29
CA PHE A 26 -7.77 5.72 -1.44
C PHE A 26 -6.29 5.54 -1.18
N GLU A 27 -5.67 6.55 -0.59
CA GLU A 27 -4.24 6.49 -0.26
C GLU A 27 -3.99 5.35 0.70
N GLU A 28 -4.91 5.18 1.64
CA GLU A 28 -4.82 4.12 2.64
C GLU A 28 -5.04 2.75 1.99
N HIS A 29 -6.01 2.69 1.09
CA HIS A 29 -6.34 1.46 0.38
C HIS A 29 -5.15 1.04 -0.48
N VAL A 30 -4.63 1.98 -1.25
CA VAL A 30 -3.49 1.71 -2.11
C VAL A 30 -2.29 1.30 -1.26
N GLU A 31 -2.14 1.96 -0.12
CA GLU A 31 -1.04 1.67 0.80
C GLU A 31 -1.25 0.32 1.48
N SER A 32 -2.52 -0.07 1.62
CA SER A 32 -2.85 -1.35 2.25
C SER A 32 -2.17 -2.50 1.52
N HIS A 33 -2.13 -2.39 0.20
CA HIS A 33 -1.51 -3.43 -0.64
C HIS A 33 0.02 -3.41 -0.49
N TRP A 34 0.55 -2.25 -0.10
CA TRP A 34 2.00 -2.10 0.06
C TRP A 34 2.50 -2.93 1.23
N LYS A 35 3.80 -3.23 1.20
CA LYS A 35 4.44 -3.99 2.26
C LYS A 35 4.86 -3.06 3.38
N VAL A 36 4.27 -3.23 4.56
CA VAL A 36 4.59 -2.36 5.69
C VAL A 36 5.11 -3.14 6.89
N CYS A 37 6.18 -2.63 7.48
CA CYS A 37 6.79 -3.25 8.64
C CYS A 37 5.97 -2.91 9.90
N PRO A 38 5.64 -3.92 10.71
CA PRO A 38 4.85 -3.72 11.93
C PRO A 38 5.69 -3.36 13.16
N MET A 39 7.01 -3.44 13.02
CA MET A 39 7.89 -3.12 14.13
C MET A 39 8.20 -1.63 14.20
N CYS A 40 8.14 -0.96 13.05
CA CYS A 40 8.41 0.48 13.00
C CYS A 40 7.30 1.23 12.27
N SER A 41 6.59 0.54 11.38
CA SER A 41 5.48 1.12 10.62
C SER A 41 5.99 1.82 9.34
N GLU A 42 6.95 1.20 8.67
CA GLU A 42 7.50 1.76 7.43
C GLU A 42 6.72 1.23 6.24
N GLN A 43 6.60 2.04 5.20
CA GLN A 43 5.88 1.62 4.01
C GLN A 43 6.84 1.28 2.88
N PHE A 44 6.62 0.13 2.27
CA PHE A 44 7.43 -0.34 1.16
C PHE A 44 6.58 -0.52 -0.10
N PRO A 45 6.93 0.16 -1.20
CA PRO A 45 6.18 0.04 -2.45
C PRO A 45 6.10 -1.40 -2.96
N PRO A 46 5.11 -1.70 -3.81
CA PRO A 46 4.92 -3.05 -4.36
C PRO A 46 6.08 -3.47 -5.25
N ASP A 47 6.80 -2.50 -5.77
CA ASP A 47 7.95 -2.77 -6.65
C ASP A 47 9.19 -3.10 -5.83
N TYR A 48 9.13 -2.85 -4.52
CA TYR A 48 10.25 -3.13 -3.63
C TYR A 48 10.46 -4.63 -3.48
N ASP A 49 11.72 -5.04 -3.43
CA ASP A 49 12.06 -6.45 -3.28
C ASP A 49 11.72 -6.94 -1.88
N GLN A 50 10.92 -7.99 -1.81
CA GLN A 50 10.51 -8.55 -0.52
C GLN A 50 11.73 -8.93 0.31
N GLN A 51 12.82 -9.29 -0.36
CA GLN A 51 14.04 -9.67 0.33
C GLN A 51 14.55 -8.51 1.18
N VAL A 52 14.56 -7.31 0.60
CA VAL A 52 15.00 -6.12 1.31
C VAL A 52 14.04 -5.79 2.46
N PHE A 53 12.75 -5.87 2.16
CA PHE A 53 11.73 -5.60 3.17
C PHE A 53 11.84 -6.60 4.32
N GLU A 54 11.86 -7.88 3.99
CA GLU A 54 11.97 -8.93 4.98
C GLU A 54 13.20 -8.70 5.85
N ARG A 55 14.28 -8.24 5.22
CA ARG A 55 15.52 -7.95 5.92
C ARG A 55 15.31 -6.82 6.92
N HIS A 56 14.56 -5.81 6.49
CA HIS A 56 14.27 -4.66 7.33
C HIS A 56 13.35 -5.06 8.48
N VAL A 57 12.29 -5.80 8.18
CA VAL A 57 11.36 -6.24 9.20
C VAL A 57 12.06 -7.19 10.16
N GLN A 58 12.87 -8.08 9.60
CA GLN A 58 13.63 -9.04 10.40
C GLN A 58 14.64 -8.30 11.28
N THR A 59 15.12 -7.17 10.77
CA THR A 59 16.08 -6.35 11.50
C THR A 59 15.49 -5.90 12.84
N HIS A 60 14.17 -5.83 12.89
CA HIS A 60 13.48 -5.43 14.11
C HIS A 60 13.28 -6.62 15.05
N PHE A 61 13.16 -7.80 14.47
CA PHE A 61 12.96 -9.02 15.24
C PHE A 61 14.25 -9.41 15.97
N ASP A 62 15.39 -9.01 15.42
CA ASP A 62 16.68 -9.31 16.02
C ASP A 62 17.09 -8.22 17.02
N GLN A 63 16.52 -7.04 16.86
CA GLN A 63 16.82 -5.92 17.75
C GLN A 63 16.05 -6.04 19.06
N ASN A 64 16.72 -5.69 20.16
CA ASN A 64 16.10 -5.77 21.48
C ASN A 64 15.31 -4.49 21.78
ZN ZN B . -6.08 -1.41 -4.39
ZN ZN C . 10.54 -1.84 10.29
N SER A 2 -23.32 10.13 -24.84
CA SER A 2 -22.06 10.00 -24.07
C SER A 2 -22.32 9.84 -22.58
N SER A 3 -21.52 9.02 -21.93
CA SER A 3 -21.67 8.79 -20.49
C SER A 3 -20.37 9.04 -19.75
N PHE A 4 -20.47 9.42 -18.49
CA PHE A 4 -19.29 9.69 -17.67
C PHE A 4 -19.27 8.80 -16.43
N ASP A 5 -18.09 8.31 -16.08
CA ASP A 5 -17.93 7.45 -14.92
C ASP A 5 -16.65 7.79 -14.16
N VAL A 6 -16.71 8.85 -13.36
CA VAL A 6 -15.55 9.28 -12.57
C VAL A 6 -15.32 8.35 -11.40
N HIS A 7 -14.51 7.31 -11.61
CA HIS A 7 -14.21 6.34 -10.56
C HIS A 7 -12.70 6.23 -10.34
N LYS A 8 -12.32 5.83 -9.14
CA LYS A 8 -10.91 5.67 -8.79
C LYS A 8 -10.50 4.21 -8.83
N LYS A 9 -9.53 3.88 -9.67
CA LYS A 9 -9.05 2.51 -9.80
C LYS A 9 -7.63 2.37 -9.27
N CYS A 10 -7.46 1.53 -8.25
CA CYS A 10 -6.15 1.31 -7.66
C CYS A 10 -5.28 0.47 -8.59
N PRO A 11 -3.98 0.83 -8.74
CA PRO A 11 -3.05 0.10 -9.62
C PRO A 11 -2.47 -1.16 -8.99
N LEU A 12 -3.13 -1.68 -7.96
CA LEU A 12 -2.67 -2.88 -7.28
C LEU A 12 -3.75 -3.97 -7.30
N CYS A 13 -5.00 -3.55 -7.33
CA CYS A 13 -6.12 -4.48 -7.35
C CYS A 13 -7.06 -4.18 -8.52
N GLU A 14 -8.25 -4.78 -8.49
CA GLU A 14 -9.23 -4.57 -9.55
C GLU A 14 -10.56 -4.09 -8.97
N LEU A 15 -10.48 -3.11 -8.07
CA LEU A 15 -11.68 -2.56 -7.45
C LEU A 15 -11.97 -1.15 -7.97
N MET A 16 -13.24 -0.76 -7.91
CA MET A 16 -13.66 0.56 -8.37
C MET A 16 -14.20 1.38 -7.20
N PHE A 17 -13.74 2.62 -7.10
CA PHE A 17 -14.18 3.51 -6.03
C PHE A 17 -15.06 4.63 -6.57
N PRO A 18 -16.10 5.03 -5.80
CA PRO A 18 -17.02 6.10 -6.21
C PRO A 18 -16.33 7.45 -6.36
N PRO A 19 -16.92 8.35 -7.17
CA PRO A 19 -16.36 9.69 -7.40
C PRO A 19 -16.27 10.50 -6.12
N ASN A 20 -17.10 10.16 -5.14
CA ASN A 20 -17.09 10.87 -3.86
C ASN A 20 -16.14 10.20 -2.86
N TYR A 21 -15.29 9.32 -3.36
CA TYR A 21 -14.33 8.62 -2.52
C TYR A 21 -13.15 9.53 -2.18
N ASP A 22 -12.83 9.62 -0.89
CA ASP A 22 -11.72 10.46 -0.44
C ASP A 22 -10.39 9.89 -0.90
N GLN A 23 -9.54 10.76 -1.45
CA GLN A 23 -8.23 10.34 -1.94
C GLN A 23 -7.38 9.77 -0.81
N SER A 24 -7.47 10.39 0.36
CA SER A 24 -6.71 9.93 1.53
C SER A 24 -6.99 8.46 1.78
N LYS A 25 -8.28 8.10 1.75
CA LYS A 25 -8.68 6.72 1.95
C LYS A 25 -8.14 5.86 0.83
N PHE A 26 -8.09 6.44 -0.36
CA PHE A 26 -7.59 5.74 -1.54
C PHE A 26 -6.11 5.45 -1.37
N GLU A 27 -5.38 6.43 -0.82
CA GLU A 27 -3.96 6.26 -0.59
C GLU A 27 -3.73 5.10 0.37
N GLU A 28 -4.52 5.07 1.43
CA GLU A 28 -4.42 4.00 2.42
C GLU A 28 -4.70 2.65 1.77
N HIS A 29 -5.69 2.62 0.88
CA HIS A 29 -6.05 1.41 0.18
C HIS A 29 -4.90 0.97 -0.73
N VAL A 30 -4.41 1.92 -1.53
CA VAL A 30 -3.29 1.65 -2.42
C VAL A 30 -2.09 1.15 -1.63
N GLU A 31 -1.84 1.80 -0.49
CA GLU A 31 -0.73 1.44 0.37
C GLU A 31 -1.00 0.11 1.07
N SER A 32 -2.27 -0.22 1.24
CA SER A 32 -2.65 -1.47 1.89
C SER A 32 -2.03 -2.65 1.17
N HIS A 33 -1.99 -2.56 -0.17
CA HIS A 33 -1.42 -3.62 -0.99
C HIS A 33 0.11 -3.63 -0.88
N TRP A 34 0.68 -2.48 -0.55
CA TRP A 34 2.12 -2.36 -0.42
C TRP A 34 2.64 -3.18 0.77
N LYS A 35 3.95 -3.41 0.79
CA LYS A 35 4.56 -4.15 1.89
C LYS A 35 4.91 -3.20 3.02
N VAL A 36 4.27 -3.38 4.17
CA VAL A 36 4.52 -2.50 5.30
C VAL A 36 5.00 -3.26 6.53
N CYS A 37 6.03 -2.72 7.16
CA CYS A 37 6.58 -3.30 8.37
C CYS A 37 5.70 -2.97 9.56
N PRO A 38 5.31 -3.97 10.37
CA PRO A 38 4.43 -3.77 11.52
C PRO A 38 5.18 -3.38 12.79
N MET A 39 6.50 -3.45 12.77
CA MET A 39 7.30 -3.10 13.94
C MET A 39 7.61 -1.61 13.99
N CYS A 40 7.63 -0.96 12.83
CA CYS A 40 7.91 0.47 12.77
C CYS A 40 6.84 1.22 11.97
N SER A 41 6.22 0.52 11.01
CA SER A 41 5.18 1.09 10.16
C SER A 41 5.76 1.75 8.90
N GLU A 42 6.80 1.12 8.35
CA GLU A 42 7.43 1.64 7.13
C GLU A 42 6.71 1.12 5.90
N GLN A 43 6.68 1.92 4.84
CA GLN A 43 6.01 1.51 3.62
C GLN A 43 7.02 1.12 2.54
N PHE A 44 6.79 -0.05 1.96
CA PHE A 44 7.64 -0.57 0.90
C PHE A 44 6.85 -0.75 -0.40
N PRO A 45 7.19 -0.01 -1.47
CA PRO A 45 6.49 -0.13 -2.75
C PRO A 45 6.55 -1.55 -3.32
N PRO A 46 5.51 -1.95 -4.08
CA PRO A 46 5.45 -3.30 -4.67
C PRO A 46 6.70 -3.63 -5.47
N ASP A 47 7.39 -2.61 -5.96
CA ASP A 47 8.61 -2.80 -6.74
C ASP A 47 9.81 -3.03 -5.82
N TYR A 48 9.64 -2.78 -4.52
CA TYR A 48 10.71 -2.96 -3.56
C TYR A 48 11.07 -4.44 -3.42
N ASP A 49 12.36 -4.72 -3.32
CA ASP A 49 12.82 -6.10 -3.18
C ASP A 49 12.38 -6.68 -1.85
N GLN A 50 11.66 -7.80 -1.91
CA GLN A 50 11.17 -8.47 -0.70
C GLN A 50 12.32 -8.79 0.25
N GLN A 51 13.49 -9.04 -0.32
CA GLN A 51 14.66 -9.36 0.48
C GLN A 51 15.00 -8.21 1.42
N VAL A 52 14.97 -6.99 0.90
CA VAL A 52 15.27 -5.81 1.68
C VAL A 52 14.19 -5.58 2.74
N PHE A 53 12.94 -5.85 2.38
CA PHE A 53 11.84 -5.68 3.30
C PHE A 53 11.91 -6.69 4.43
N GLU A 54 12.07 -7.96 4.08
CA GLU A 54 12.16 -9.03 5.07
C GLU A 54 13.27 -8.76 6.07
N ARG A 55 14.43 -8.38 5.54
CA ARG A 55 15.57 -8.06 6.39
C ARG A 55 15.24 -6.88 7.29
N HIS A 56 14.54 -5.89 6.73
CA HIS A 56 14.16 -4.70 7.48
C HIS A 56 13.23 -5.09 8.63
N VAL A 57 12.21 -5.88 8.32
CA VAL A 57 11.25 -6.31 9.34
C VAL A 57 11.94 -7.23 10.35
N GLN A 58 12.94 -7.97 9.87
CA GLN A 58 13.69 -8.88 10.71
C GLN A 58 14.50 -8.10 11.75
N THR A 59 15.00 -6.94 11.35
CA THR A 59 15.80 -6.10 12.24
C THR A 59 15.00 -5.71 13.47
N HIS A 60 13.68 -5.69 13.35
CA HIS A 60 12.81 -5.34 14.45
C HIS A 60 12.55 -6.54 15.35
N PHE A 61 12.56 -7.74 14.76
CA PHE A 61 12.32 -8.96 15.51
C PHE A 61 13.51 -9.29 16.41
N ASP A 62 14.69 -8.83 16.01
CA ASP A 62 15.91 -9.07 16.79
C ASP A 62 16.27 -7.85 17.62
N GLN A 63 15.77 -6.68 17.21
CA GLN A 63 16.05 -5.44 17.92
C GLN A 63 17.54 -5.11 17.89
N ASN A 64 17.93 -4.26 16.94
CA ASN A 64 19.33 -3.87 16.80
C ASN A 64 19.63 -2.64 17.66
ZN ZN B . -6.07 -1.45 -4.56
ZN ZN C . 10.26 -1.87 10.25
N SER A 2 -12.53 14.28 -15.07
CA SER A 2 -13.75 15.09 -15.34
C SER A 2 -14.73 14.34 -16.23
N SER A 3 -14.25 13.91 -17.40
CA SER A 3 -15.08 13.18 -18.35
C SER A 3 -14.41 11.88 -18.76
N PHE A 4 -15.23 10.88 -19.08
CA PHE A 4 -14.72 9.57 -19.49
C PHE A 4 -13.88 8.94 -18.38
N ASP A 5 -14.38 7.84 -17.82
CA ASP A 5 -13.68 7.14 -16.75
C ASP A 5 -13.49 8.05 -15.54
N VAL A 6 -14.39 7.93 -14.58
CA VAL A 6 -14.32 8.74 -13.36
C VAL A 6 -13.96 7.88 -12.15
N HIS A 7 -14.36 6.62 -12.19
CA HIS A 7 -14.06 5.70 -11.09
C HIS A 7 -12.56 5.54 -10.89
N LYS A 8 -12.12 5.66 -9.64
CA LYS A 8 -10.71 5.52 -9.32
C LYS A 8 -10.34 4.06 -9.08
N LYS A 9 -9.49 3.53 -9.93
CA LYS A 9 -9.06 2.13 -9.82
C LYS A 9 -7.64 2.04 -9.27
N CYS A 10 -7.49 1.33 -8.16
CA CYS A 10 -6.18 1.17 -7.53
C CYS A 10 -5.31 0.21 -8.35
N PRO A 11 -4.17 0.69 -8.86
CA PRO A 11 -3.26 -0.14 -9.68
C PRO A 11 -2.81 -1.42 -8.98
N LEU A 12 -2.88 -1.43 -7.66
CA LEU A 12 -2.46 -2.60 -6.88
C LEU A 12 -3.52 -3.70 -6.91
N CYS A 13 -4.76 -3.32 -7.15
CA CYS A 13 -5.86 -4.29 -7.20
C CYS A 13 -6.81 -3.99 -8.35
N GLU A 14 -7.95 -4.68 -8.36
CA GLU A 14 -8.94 -4.49 -9.41
C GLU A 14 -10.26 -4.00 -8.83
N LEU A 15 -10.18 -3.05 -7.90
CA LEU A 15 -11.36 -2.50 -7.27
C LEU A 15 -11.66 -1.09 -7.79
N MET A 16 -12.94 -0.82 -8.05
CA MET A 16 -13.35 0.49 -8.55
C MET A 16 -13.98 1.32 -7.43
N PHE A 17 -13.55 2.57 -7.32
CA PHE A 17 -14.06 3.46 -6.29
C PHE A 17 -14.94 4.56 -6.91
N PRO A 18 -16.00 4.96 -6.20
CA PRO A 18 -16.93 6.01 -6.69
C PRO A 18 -16.26 7.37 -6.81
N PRO A 19 -16.79 8.24 -7.69
CA PRO A 19 -16.24 9.58 -7.89
C PRO A 19 -16.22 10.41 -6.60
N ASN A 20 -17.13 10.08 -5.69
CA ASN A 20 -17.22 10.79 -4.42
C ASN A 20 -16.33 10.15 -3.36
N TYR A 21 -15.44 9.25 -3.79
CA TYR A 21 -14.54 8.57 -2.87
C TYR A 21 -13.42 9.50 -2.42
N ASP A 22 -13.19 9.54 -1.11
CA ASP A 22 -12.15 10.39 -0.55
C ASP A 22 -10.77 9.89 -0.94
N GLN A 23 -9.94 10.79 -1.47
CA GLN A 23 -8.59 10.44 -1.90
C GLN A 23 -7.79 9.86 -0.73
N SER A 24 -7.95 10.46 0.44
CA SER A 24 -7.23 10.00 1.63
C SER A 24 -7.50 8.51 1.85
N LYS A 25 -8.73 8.10 1.62
CA LYS A 25 -9.12 6.70 1.78
C LYS A 25 -8.43 5.87 0.71
N PHE A 26 -8.28 6.46 -0.48
CA PHE A 26 -7.62 5.80 -1.58
C PHE A 26 -6.14 5.63 -1.29
N GLU A 27 -5.55 6.65 -0.68
CA GLU A 27 -4.14 6.60 -0.32
C GLU A 27 -3.90 5.47 0.67
N GLU A 28 -4.83 5.34 1.63
CA GLU A 28 -4.73 4.30 2.64
C GLU A 28 -4.95 2.92 2.02
N HIS A 29 -5.93 2.84 1.12
CA HIS A 29 -6.24 1.58 0.44
C HIS A 29 -5.06 1.16 -0.41
N VAL A 30 -4.56 2.08 -1.21
CA VAL A 30 -3.40 1.82 -2.06
C VAL A 30 -2.22 1.39 -1.21
N GLU A 31 -2.05 2.07 -0.07
CA GLU A 31 -0.96 1.75 0.85
C GLU A 31 -1.21 0.41 1.54
N SER A 32 -2.49 0.04 1.66
CA SER A 32 -2.84 -1.22 2.29
C SER A 32 -2.15 -2.38 1.60
N HIS A 33 -2.08 -2.31 0.27
CA HIS A 33 -1.42 -3.35 -0.52
C HIS A 33 0.09 -3.29 -0.37
N TRP A 34 0.61 -2.12 -0.03
CA TRP A 34 2.05 -1.93 0.13
C TRP A 34 2.59 -2.76 1.28
N LYS A 35 3.87 -3.10 1.21
CA LYS A 35 4.52 -3.88 2.26
C LYS A 35 4.92 -2.97 3.40
N VAL A 36 4.30 -3.14 4.56
CA VAL A 36 4.61 -2.29 5.71
C VAL A 36 5.13 -3.09 6.90
N CYS A 37 6.20 -2.59 7.50
CA CYS A 37 6.80 -3.22 8.66
C CYS A 37 5.98 -2.89 9.91
N PRO A 38 5.61 -3.91 10.71
CA PRO A 38 4.81 -3.72 11.91
C PRO A 38 5.65 -3.40 13.16
N MET A 39 6.96 -3.50 13.04
CA MET A 39 7.84 -3.23 14.18
C MET A 39 8.20 -1.74 14.26
N CYS A 40 8.18 -1.05 13.13
CA CYS A 40 8.51 0.38 13.10
C CYS A 40 7.44 1.18 12.34
N SER A 41 6.70 0.51 11.47
CA SER A 41 5.64 1.15 10.68
C SER A 41 6.20 1.81 9.42
N GLU A 42 7.12 1.12 8.74
CA GLU A 42 7.71 1.65 7.50
C GLU A 42 6.89 1.20 6.30
N GLN A 43 6.80 2.04 5.29
CA GLN A 43 6.05 1.67 4.10
C GLN A 43 6.99 1.33 2.95
N PHE A 44 6.73 0.20 2.33
CA PHE A 44 7.52 -0.28 1.19
C PHE A 44 6.64 -0.41 -0.05
N PRO A 45 6.98 0.31 -1.14
CA PRO A 45 6.21 0.25 -2.39
C PRO A 45 6.16 -1.17 -2.95
N PRO A 46 5.15 -1.46 -3.80
CA PRO A 46 4.99 -2.79 -4.40
C PRO A 46 6.13 -3.16 -5.33
N ASP A 47 6.80 -2.13 -5.86
CA ASP A 47 7.92 -2.35 -6.77
C ASP A 47 9.21 -2.64 -5.99
N TYR A 48 9.11 -2.61 -4.66
CA TYR A 48 10.26 -2.88 -3.82
C TYR A 48 10.58 -4.37 -3.77
N ASP A 49 11.82 -4.70 -3.41
CA ASP A 49 12.24 -6.09 -3.31
C ASP A 49 11.83 -6.68 -1.97
N GLN A 50 11.07 -7.76 -2.01
CA GLN A 50 10.60 -8.42 -0.80
C GLN A 50 11.79 -8.82 0.08
N GLN A 51 12.91 -9.13 -0.55
CA GLN A 51 14.12 -9.53 0.17
C GLN A 51 14.58 -8.39 1.09
N VAL A 52 14.59 -7.17 0.55
CA VAL A 52 15.00 -6.02 1.32
C VAL A 52 14.01 -5.75 2.46
N PHE A 53 12.73 -5.91 2.16
CA PHE A 53 11.69 -5.70 3.16
C PHE A 53 11.80 -6.72 4.28
N GLU A 54 11.88 -8.00 3.91
CA GLU A 54 11.99 -9.07 4.88
C GLU A 54 13.17 -8.84 5.81
N ARG A 55 14.30 -8.44 5.23
CA ARG A 55 15.50 -8.17 6.00
C ARG A 55 15.25 -7.00 6.97
N HIS A 56 14.52 -6.00 6.49
CA HIS A 56 14.21 -4.83 7.31
C HIS A 56 13.32 -5.22 8.49
N VAL A 57 12.25 -5.97 8.20
CA VAL A 57 11.34 -6.41 9.25
C VAL A 57 12.03 -7.38 10.18
N GLN A 58 12.97 -8.15 9.62
CA GLN A 58 13.72 -9.13 10.39
C GLN A 58 14.65 -8.43 11.37
N THR A 59 15.17 -7.27 10.97
CA THR A 59 16.07 -6.51 11.83
C THR A 59 15.40 -6.13 13.14
N HIS A 60 14.07 -6.04 13.10
CA HIS A 60 13.30 -5.69 14.29
C HIS A 60 13.05 -6.91 15.16
N PHE A 61 12.95 -8.08 14.53
CA PHE A 61 12.72 -9.32 15.25
C PHE A 61 13.96 -9.77 16.01
N ASP A 62 15.12 -9.25 15.62
CA ASP A 62 16.37 -9.59 16.27
C ASP A 62 16.74 -8.58 17.35
N GLN A 63 15.73 -7.88 17.87
CA GLN A 63 15.95 -6.88 18.91
C GLN A 63 16.83 -5.74 18.39
N ASN A 64 16.79 -4.60 19.07
CA ASN A 64 17.59 -3.45 18.68
C ASN A 64 18.62 -3.11 19.75
ZN ZN B . -6.02 -1.36 -4.29
ZN ZN C . 10.64 -1.94 10.40
#